data_8UZD
#
_entry.id   8UZD
#
_cell.length_a   82.675
_cell.length_b   82.675
_cell.length_c   226.088
_cell.angle_alpha   90.000
_cell.angle_beta   90.000
_cell.angle_gamma   90.000
#
_symmetry.space_group_name_H-M   'P 41 21 2'
#
loop_
_entity.id
_entity.type
_entity.pdbx_description
1 polymer IpCS3
2 non-polymer S-ADENOSYL-L-HOMOCYSTEINE
3 non-polymer CAFFEINE
4 water water
#
_entity_poly.entity_id   1
_entity_poly.type   'polypeptide(L)'
_entity_poly.pdbx_seq_one_letter_code
;SHMDVKGALFMNGGDLESSYAQHGCFSQKVTSITKPILVNAIHSLFSEYFHREKVLNVADLGCAAGPNPFSVILTVKESL
ERKCKELNCQPAELQVYLNDLPGNDFNSLFKDLSGVGKDQKSDVLRTCFVMGAPGSFYGRLFPRSCLHLVHSCYSVHWLS
QVPKGLTSKEGLPLNKGKINISKTSPPVVEAAYLAQFKEDFTLLLKSRAEEMVQNGRMVLILNGRQASDPWGKESCYHWE
VLAEAISEMVSQGLVDEEKLDSFNVPCYAPSQEEVQDIVDKVGSFAVEHIETFTLPFANDQESDTRVKGEQLAKNIRSFT
ESIISYEFGKEITEKVYHKLTQIVVKDMASRPPTNTTVVVVLSRTM
;
_entity_poly.pdbx_strand_id   A,B
#
# COMPACT_ATOMS: atom_id res chain seq x y z
N CYS A 25 -10.74 12.72 -7.91
CA CYS A 25 -9.99 11.45 -8.15
C CYS A 25 -9.43 10.89 -6.84
N PHE A 26 -9.01 11.77 -5.92
CA PHE A 26 -8.28 11.31 -4.73
C PHE A 26 -9.12 10.38 -3.86
N SER A 27 -10.26 10.88 -3.36
CA SER A 27 -11.16 10.08 -2.57
C SER A 27 -11.50 8.76 -3.26
N GLN A 28 -11.66 8.83 -4.60
CA GLN A 28 -11.94 7.69 -5.45
C GLN A 28 -10.75 6.75 -5.47
N LYS A 29 -9.55 7.32 -5.62
CA LYS A 29 -8.33 6.54 -5.69
C LYS A 29 -8.16 5.72 -4.41
N VAL A 30 -8.42 6.36 -3.26
CA VAL A 30 -8.17 5.75 -1.96
C VAL A 30 -9.10 4.57 -1.77
N THR A 31 -10.39 4.76 -2.09
CA THR A 31 -11.39 3.72 -1.89
C THR A 31 -11.12 2.55 -2.83
N SER A 32 -10.65 2.84 -4.03
CA SER A 32 -10.43 1.78 -5.01
C SER A 32 -9.14 0.98 -4.74
N ILE A 33 -8.08 1.65 -4.25
CA ILE A 33 -6.83 0.97 -3.91
C ILE A 33 -7.04 0.05 -2.71
N THR A 34 -7.90 0.48 -1.76
CA THR A 34 -8.07 -0.18 -0.48
C THR A 34 -9.17 -1.25 -0.53
N LYS A 35 -10.06 -1.18 -1.53
CA LYS A 35 -11.13 -2.15 -1.67
C LYS A 35 -10.64 -3.59 -1.53
N PRO A 36 -9.55 -4.03 -2.22
CA PRO A 36 -9.04 -5.39 -2.04
C PRO A 36 -8.67 -5.75 -0.61
N ILE A 37 -8.25 -4.75 0.17
CA ILE A 37 -7.88 -5.01 1.55
C ILE A 37 -9.15 -5.32 2.34
N LEU A 38 -10.20 -4.51 2.11
CA LEU A 38 -11.50 -4.76 2.71
C LEU A 38 -11.98 -6.17 2.37
N VAL A 39 -11.86 -6.54 1.08
CA VAL A 39 -12.36 -7.82 0.62
C VAL A 39 -11.58 -8.97 1.26
N ASN A 40 -10.26 -8.82 1.40
CA ASN A 40 -9.45 -9.86 2.01
C ASN A 40 -9.87 -10.05 3.46
N ALA A 41 -10.10 -8.94 4.16
CA ALA A 41 -10.54 -8.98 5.55
C ALA A 41 -11.88 -9.71 5.66
N ILE A 42 -12.82 -9.41 4.74
CA ILE A 42 -14.08 -10.12 4.68
C ILE A 42 -13.84 -11.62 4.50
N HIS A 43 -12.91 -11.99 3.61
CA HIS A 43 -12.64 -13.39 3.33
C HIS A 43 -12.13 -14.10 4.58
N SER A 44 -11.34 -13.41 5.41
CA SER A 44 -10.88 -13.95 6.68
C SER A 44 -12.08 -14.34 7.55
N LEU A 45 -13.15 -13.53 7.48
CA LEU A 45 -14.34 -13.78 8.28
C LEU A 45 -14.97 -15.10 7.87
N PHE A 46 -14.85 -15.45 6.58
CA PHE A 46 -15.50 -16.65 6.06
C PHE A 46 -14.80 -17.91 6.55
N SER A 47 -13.48 -17.83 6.76
CA SER A 47 -12.74 -19.01 7.18
C SER A 47 -12.89 -19.22 8.68
N GLU A 48 -13.74 -18.39 9.31
CA GLU A 48 -14.13 -18.53 10.71
C GLU A 48 -15.59 -18.98 10.77
N TYR A 49 -16.22 -19.08 9.59
CA TYR A 49 -17.59 -19.55 9.44
C TYR A 49 -18.55 -18.54 10.07
N PHE A 50 -18.18 -17.25 10.00
CA PHE A 50 -19.01 -16.18 10.52
C PHE A 50 -20.25 -16.01 9.64
N HIS A 51 -20.13 -16.42 8.37
CA HIS A 51 -21.22 -16.38 7.42
C HIS A 51 -22.29 -17.43 7.78
N ARG A 52 -21.93 -18.37 8.68
CA ARG A 52 -22.82 -19.42 9.13
C ARG A 52 -23.58 -19.01 10.41
N GLU A 53 -23.19 -17.89 11.02
CA GLU A 53 -23.89 -17.34 12.17
C GLU A 53 -25.18 -16.69 11.68
N LYS A 54 -26.09 -16.38 12.62
CA LYS A 54 -27.42 -15.90 12.29
C LYS A 54 -27.38 -14.49 11.70
N VAL A 55 -26.46 -13.67 12.20
CA VAL A 55 -26.29 -12.31 11.68
C VAL A 55 -24.80 -11.98 11.64
N LEU A 56 -24.40 -11.24 10.59
CA LEU A 56 -23.06 -10.67 10.51
C LEU A 56 -23.15 -9.17 10.77
N ASN A 57 -22.39 -8.69 11.77
CA ASN A 57 -22.47 -7.32 12.26
C ASN A 57 -21.25 -6.52 11.80
N VAL A 58 -21.51 -5.38 11.18
CA VAL A 58 -20.46 -4.53 10.64
C VAL A 58 -20.62 -3.11 11.16
N ALA A 59 -19.49 -2.46 11.43
CA ALA A 59 -19.49 -1.07 11.84
C ALA A 59 -18.56 -0.28 10.93
N ASP A 60 -19.02 0.90 10.52
CA ASP A 60 -18.23 1.89 9.81
C ASP A 60 -18.04 3.11 10.71
N LEU A 61 -16.80 3.38 11.15
CA LEU A 61 -16.54 4.50 12.04
C LEU A 61 -16.32 5.80 11.25
N GLY A 62 -17.14 6.82 11.55
CA GLY A 62 -17.03 8.13 10.92
C GLY A 62 -17.44 8.09 9.45
N CYS A 63 -18.70 7.79 9.21
CA CYS A 63 -19.19 7.43 7.87
C CYS A 63 -19.48 8.68 7.06
N ALA A 64 -19.63 9.84 7.72
CA ALA A 64 -20.14 11.06 7.12
C ALA A 64 -21.46 10.78 6.40
N ALA A 65 -21.66 11.39 5.22
CA ALA A 65 -22.92 11.27 4.50
C ALA A 65 -22.70 11.01 3.01
N GLY A 66 -21.44 10.91 2.57
CA GLY A 66 -21.09 10.75 1.17
C GLY A 66 -21.35 9.34 0.64
N PRO A 67 -20.78 8.95 -0.53
CA PRO A 67 -21.02 7.63 -1.11
C PRO A 67 -20.18 6.46 -0.58
N ASN A 68 -19.13 6.74 0.20
CA ASN A 68 -18.23 5.71 0.70
C ASN A 68 -18.99 4.66 1.53
N PRO A 69 -19.83 5.04 2.53
CA PRO A 69 -20.64 4.06 3.26
C PRO A 69 -21.49 3.14 2.39
N PHE A 70 -22.06 3.68 1.31
CA PHE A 70 -22.87 2.89 0.39
C PHE A 70 -22.00 1.80 -0.21
N SER A 71 -20.77 2.18 -0.56
CA SER A 71 -19.86 1.29 -1.23
C SER A 71 -19.36 0.19 -0.28
N VAL A 72 -19.17 0.53 1.00
CA VAL A 72 -18.77 -0.44 2.02
C VAL A 72 -19.88 -1.46 2.20
N ILE A 73 -21.12 -0.99 2.24
CA ILE A 73 -22.29 -1.86 2.37
C ILE A 73 -22.36 -2.82 1.18
N LEU A 74 -22.19 -2.29 -0.04
CA LEU A 74 -22.26 -3.12 -1.23
C LEU A 74 -21.16 -4.17 -1.23
N THR A 75 -19.95 -3.77 -0.87
CA THR A 75 -18.81 -4.68 -0.90
C THR A 75 -19.08 -5.88 0.00
N VAL A 76 -19.57 -5.61 1.21
CA VAL A 76 -19.83 -6.68 2.16
C VAL A 76 -20.99 -7.52 1.64
N LYS A 77 -22.07 -6.86 1.20
CA LYS A 77 -23.26 -7.54 0.75
C LYS A 77 -22.91 -8.47 -0.41
N GLU A 78 -22.22 -7.93 -1.43
CA GLU A 78 -21.86 -8.72 -2.61
C GLU A 78 -21.01 -9.92 -2.22
N SER A 79 -19.99 -9.69 -1.40
CA SER A 79 -19.07 -10.78 -1.06
C SER A 79 -19.77 -11.85 -0.22
N LEU A 80 -20.70 -11.43 0.64
CA LEU A 80 -21.42 -12.36 1.50
C LEU A 80 -22.37 -13.22 0.66
N GLU A 81 -23.05 -12.61 -0.30
CA GLU A 81 -24.02 -13.32 -1.14
C GLU A 81 -23.30 -14.29 -2.07
N ARG A 82 -22.15 -13.85 -2.60
CA ARG A 82 -21.34 -14.61 -3.55
C ARG A 82 -20.84 -15.90 -2.89
N LYS A 83 -20.49 -15.84 -1.61
CA LYS A 83 -19.87 -16.98 -0.97
C LYS A 83 -20.90 -17.94 -0.37
N CYS A 84 -22.12 -17.47 -0.13
CA CYS A 84 -23.16 -18.38 0.36
C CYS A 84 -23.71 -19.22 -0.78
N LYS A 85 -23.62 -18.66 -2.00
CA LYS A 85 -23.88 -19.38 -3.24
C LYS A 85 -22.88 -20.54 -3.39
N GLU A 86 -21.60 -20.25 -3.10
CA GLU A 86 -20.49 -21.16 -3.36
C GLU A 86 -20.57 -22.36 -2.44
N LEU A 87 -20.82 -22.11 -1.15
CA LEU A 87 -20.72 -23.15 -0.13
C LEU A 87 -22.08 -23.78 0.13
N ASN A 88 -23.13 -23.32 -0.59
CA ASN A 88 -24.47 -23.89 -0.56
C ASN A 88 -25.08 -23.84 0.83
N CYS A 89 -24.94 -22.69 1.48
CA CYS A 89 -25.48 -22.51 2.82
C CYS A 89 -26.42 -21.31 2.82
N GLN A 90 -27.25 -21.28 3.87
CA GLN A 90 -28.18 -20.21 4.20
C GLN A 90 -27.38 -18.94 4.47
N PRO A 91 -27.70 -17.79 3.84
CA PRO A 91 -26.92 -16.57 4.07
C PRO A 91 -27.31 -16.01 5.45
N ALA A 92 -26.29 -15.62 6.23
CA ALA A 92 -26.52 -14.85 7.43
C ALA A 92 -27.19 -13.55 7.05
N GLU A 93 -27.93 -12.96 7.99
CA GLU A 93 -28.45 -11.62 7.78
C GLU A 93 -27.31 -10.63 8.02
N LEU A 94 -27.46 -9.43 7.47
CA LEU A 94 -26.41 -8.44 7.60
C LEU A 94 -26.92 -7.25 8.39
N GLN A 95 -26.17 -6.87 9.44
CA GLN A 95 -26.48 -5.63 10.14
C GLN A 95 -25.29 -4.70 10.02
N VAL A 96 -25.53 -3.49 9.50
CA VAL A 96 -24.49 -2.50 9.33
C VAL A 96 -24.82 -1.26 10.18
N TYR A 97 -23.93 -0.96 11.12
CA TYR A 97 -23.97 0.26 11.89
C TYR A 97 -23.14 1.33 11.19
N LEU A 98 -23.76 2.48 10.90
CA LEU A 98 -23.05 3.62 10.36
C LEU A 98 -22.82 4.68 11.44
N ASN A 99 -21.61 4.68 12.03
CA ASN A 99 -21.28 5.61 13.10
C ASN A 99 -20.76 6.94 12.55
N ASP A 100 -21.20 8.04 13.18
CA ASP A 100 -20.62 9.38 13.06
C ASP A 100 -21.11 10.24 14.23
N LEU A 101 -20.51 11.42 14.42
CA LEU A 101 -20.89 12.32 15.51
C LEU A 101 -22.34 12.75 15.33
N PRO A 102 -23.07 13.10 16.42
CA PRO A 102 -24.47 13.54 16.31
C PRO A 102 -24.39 14.87 15.57
N GLY A 103 -25.37 15.16 14.72
CA GLY A 103 -25.20 16.39 13.96
C GLY A 103 -24.40 16.18 12.68
N ASN A 104 -23.95 14.94 12.44
CA ASN A 104 -23.76 14.46 11.08
C ASN A 104 -25.12 14.48 10.40
N ASP A 105 -25.13 14.62 9.07
CA ASP A 105 -26.36 14.72 8.30
C ASP A 105 -26.88 13.32 7.99
N PHE A 106 -27.39 12.64 9.04
CA PHE A 106 -27.99 11.34 8.91
C PHE A 106 -29.26 11.42 8.06
N ASN A 107 -29.94 12.57 8.07
CA ASN A 107 -31.14 12.73 7.27
C ASN A 107 -30.84 12.42 5.79
N SER A 108 -29.83 13.10 5.23
CA SER A 108 -29.45 12.90 3.83
C SER A 108 -29.00 11.47 3.58
N LEU A 109 -28.14 10.96 4.47
CA LEU A 109 -27.60 9.62 4.37
C LEU A 109 -28.74 8.61 4.23
N PHE A 110 -29.73 8.70 5.12
CA PHE A 110 -30.84 7.76 5.19
C PHE A 110 -31.73 7.86 3.96
N LYS A 111 -31.87 9.07 3.43
CA LYS A 111 -32.70 9.32 2.25
C LYS A 111 -32.07 8.67 1.02
N ASP A 112 -30.74 8.80 0.89
CA ASP A 112 -30.00 8.23 -0.22
C ASP A 112 -29.95 6.70 -0.14
N LEU A 113 -29.93 6.15 1.08
CA LEU A 113 -29.85 4.70 1.25
C LEU A 113 -31.18 4.06 0.83
N SER A 114 -32.19 4.91 0.58
CA SER A 114 -33.52 4.44 0.18
C SER A 114 -33.54 4.09 -1.31
N GLY A 115 -32.54 4.56 -2.05
CA GLY A 115 -32.33 4.18 -3.45
C GLY A 115 -30.98 3.52 -3.67
N LEU A 125 -30.78 -3.93 0.80
CA LEU A 125 -31.84 -3.48 1.74
C LEU A 125 -32.86 -4.60 1.95
N ARG A 126 -32.39 -5.85 1.87
CA ARG A 126 -33.23 -7.04 1.95
C ARG A 126 -32.48 -8.17 2.67
N THR A 127 -32.89 -8.42 3.92
CA THR A 127 -32.12 -9.12 4.95
C THR A 127 -30.85 -8.33 5.26
N CYS A 128 -30.96 -7.00 5.03
CA CYS A 128 -29.90 -6.01 5.14
C CYS A 128 -30.40 -4.83 5.98
N PHE A 129 -29.88 -4.74 7.22
CA PHE A 129 -30.42 -3.83 8.21
C PHE A 129 -29.39 -2.77 8.56
N VAL A 130 -29.65 -1.54 8.09
CA VAL A 130 -28.70 -0.44 8.17
C VAL A 130 -29.16 0.56 9.24
N MET A 131 -28.27 0.84 10.20
CA MET A 131 -28.56 1.69 11.35
C MET A 131 -27.65 2.92 11.36
N GLY A 132 -28.15 3.98 11.98
CA GLY A 132 -27.32 5.12 12.37
C GLY A 132 -26.91 5.01 13.82
N ALA A 133 -25.61 5.19 14.09
CA ALA A 133 -25.06 5.08 15.43
C ALA A 133 -24.34 6.37 15.79
N PRO A 134 -25.09 7.42 16.24
CA PRO A 134 -24.48 8.70 16.61
C PRO A 134 -23.69 8.59 17.91
N GLY A 135 -22.57 9.31 18.00
CA GLY A 135 -21.65 9.25 19.12
C GLY A 135 -20.20 9.35 18.63
N SER A 136 -19.26 9.46 19.58
CA SER A 136 -17.84 9.46 19.26
C SER A 136 -17.29 8.04 19.30
N PHE A 137 -16.40 7.71 18.35
CA PHE A 137 -15.80 6.38 18.37
C PHE A 137 -14.73 6.28 19.46
N TYR A 138 -14.46 7.39 20.16
CA TYR A 138 -13.56 7.38 21.31
C TYR A 138 -14.35 7.05 22.57
N GLY A 139 -14.66 5.76 22.74
CA GLY A 139 -15.66 5.38 23.73
C GLY A 139 -16.49 4.21 23.22
N ARG A 140 -17.35 3.68 24.09
CA ARG A 140 -18.15 2.53 23.75
C ARG A 140 -19.29 2.99 22.84
N LEU A 141 -19.67 2.16 21.86
CA LEU A 141 -20.72 2.54 20.92
C LEU A 141 -21.71 1.40 20.69
N PHE A 142 -21.30 0.17 21.04
CA PHE A 142 -22.00 -1.05 20.65
C PHE A 142 -21.89 -2.10 21.75
N PRO A 143 -22.82 -3.07 21.81
CA PRO A 143 -22.75 -4.16 22.80
C PRO A 143 -21.42 -4.88 22.75
N ARG A 144 -21.08 -5.54 23.86
CA ARG A 144 -19.87 -6.35 24.00
C ARG A 144 -19.89 -7.50 23.00
N SER A 145 -18.72 -7.70 22.38
CA SER A 145 -18.36 -8.78 21.48
C SER A 145 -19.52 -9.23 20.61
N CYS A 146 -19.88 -8.36 19.65
CA CYS A 146 -20.91 -8.64 18.68
C CYS A 146 -20.47 -8.28 17.26
N LEU A 147 -19.41 -7.46 17.12
CA LEU A 147 -18.99 -7.01 15.80
C LEU A 147 -18.05 -8.04 15.16
N HIS A 148 -18.31 -8.35 13.89
CA HIS A 148 -17.43 -9.24 13.14
C HIS A 148 -16.44 -8.42 12.30
N LEU A 149 -16.89 -7.27 11.78
CA LEU A 149 -16.07 -6.44 10.92
C LEU A 149 -16.24 -4.98 11.32
N VAL A 150 -15.11 -4.29 11.51
CA VAL A 150 -15.09 -2.84 11.73
C VAL A 150 -14.30 -2.22 10.57
N HIS A 151 -14.84 -1.14 10.02
CA HIS A 151 -14.20 -0.44 8.91
C HIS A 151 -14.17 1.07 9.18
N SER A 152 -13.11 1.74 8.72
CA SER A 152 -12.98 3.18 8.87
C SER A 152 -12.04 3.73 7.80
N CYS A 153 -12.53 4.75 7.09
CA CYS A 153 -11.76 5.38 6.03
C CYS A 153 -11.73 6.90 6.23
N TYR A 154 -10.56 7.42 6.58
CA TYR A 154 -10.32 8.85 6.69
C TYR A 154 -11.06 9.51 7.86
N SER A 155 -11.08 8.86 9.03
CA SER A 155 -11.74 9.43 10.21
C SER A 155 -10.79 9.48 11.40
N VAL A 156 -10.09 8.36 11.64
CA VAL A 156 -9.48 8.14 12.94
C VAL A 156 -8.17 8.92 13.05
N HIS A 157 -7.91 9.82 12.09
CA HIS A 157 -6.78 10.72 12.24
C HIS A 157 -7.18 11.98 13.00
N TRP A 158 -8.50 12.20 13.13
CA TRP A 158 -9.05 13.32 13.88
C TRP A 158 -8.97 13.01 15.37
N LEU A 159 -8.45 13.94 16.15
CA LEU A 159 -8.22 13.73 17.57
C LEU A 159 -9.47 14.12 18.35
N SER A 160 -9.53 13.71 19.63
CA SER A 160 -10.67 13.99 20.49
C SER A 160 -10.64 15.42 21.04
N GLN A 161 -9.48 16.07 20.97
CA GLN A 161 -9.27 17.44 21.42
C GLN A 161 -7.97 17.96 20.82
N VAL A 162 -7.83 19.28 20.71
CA VAL A 162 -6.54 19.88 20.40
C VAL A 162 -5.54 19.41 21.46
N PRO A 163 -4.32 18.96 21.11
CA PRO A 163 -3.40 18.40 22.11
C PRO A 163 -2.94 19.46 23.12
N LYS A 164 -2.74 19.02 24.36
CA LYS A 164 -2.34 19.89 25.46
C LYS A 164 -0.85 20.17 25.38
N GLY A 165 -0.43 21.32 25.90
CA GLY A 165 0.99 21.59 26.06
C GLY A 165 1.58 22.27 24.84
N LEU A 166 0.73 23.04 24.15
CA LEU A 166 1.15 23.87 23.03
C LEU A 166 1.19 25.32 23.49
N THR A 167 1.38 25.50 24.81
CA THR A 167 1.55 26.79 25.48
C THR A 167 2.53 26.56 26.64
N SER A 168 3.47 27.49 26.85
CA SER A 168 4.50 27.34 27.87
C SER A 168 3.94 27.65 29.26
N LYS A 169 4.77 27.44 30.29
CA LYS A 169 4.49 27.82 31.67
C LYS A 169 4.04 29.27 31.72
N GLU A 170 4.81 30.14 31.05
CA GLU A 170 4.61 31.58 30.97
C GLU A 170 3.24 31.93 30.37
N GLY A 171 2.78 31.13 29.39
CA GLY A 171 1.52 31.39 28.71
C GLY A 171 1.75 31.76 27.24
N LEU A 172 3.01 31.67 26.80
CA LEU A 172 3.39 31.92 25.42
C LEU A 172 2.99 30.72 24.56
N PRO A 173 2.41 30.93 23.35
CA PRO A 173 2.09 29.84 22.42
C PRO A 173 3.29 29.34 21.61
N LEU A 174 3.66 28.07 21.84
CA LEU A 174 4.63 27.36 21.04
C LEU A 174 3.97 27.05 19.70
N ASN A 175 4.76 26.72 18.67
CA ASN A 175 4.21 26.47 17.34
C ASN A 175 3.62 27.76 16.77
N LYS A 176 4.48 28.76 16.55
CA LYS A 176 4.06 30.13 16.33
C LYS A 176 3.34 30.30 15.00
N GLY A 177 3.91 29.81 13.91
CA GLY A 177 3.42 30.26 12.61
C GLY A 177 2.26 29.42 12.04
N LYS A 178 1.93 28.31 12.71
CA LYS A 178 1.33 27.17 12.05
C LYS A 178 0.11 26.66 12.80
N ILE A 179 -0.63 25.76 12.14
CA ILE A 179 -1.86 25.20 12.69
C ILE A 179 -1.74 23.67 12.84
N ASN A 180 -0.62 23.10 12.37
CA ASN A 180 -0.27 21.72 12.62
C ASN A 180 1.26 21.62 12.67
N ILE A 181 1.81 20.41 12.82
CA ILE A 181 3.26 20.21 12.93
C ILE A 181 3.95 20.66 11.63
N SER A 182 5.05 21.40 11.77
CA SER A 182 5.72 22.00 10.62
C SER A 182 7.24 21.89 10.71
N LYS A 183 7.93 22.43 9.69
CA LYS A 183 9.39 22.50 9.71
C LYS A 183 9.84 23.40 10.86
N THR A 184 9.06 24.46 11.11
CA THR A 184 9.38 25.50 12.07
C THR A 184 8.95 25.13 13.49
N SER A 185 8.29 23.99 13.68
CA SER A 185 7.73 23.63 14.98
C SER A 185 8.84 23.19 15.93
N PRO A 186 8.85 23.69 17.19
CA PRO A 186 9.76 23.18 18.22
C PRO A 186 9.45 21.72 18.53
N PRO A 187 10.44 20.92 19.00
CA PRO A 187 10.22 19.50 19.30
C PRO A 187 8.99 19.12 20.13
N VAL A 188 8.52 20.05 20.97
CA VAL A 188 7.45 19.79 21.92
C VAL A 188 6.11 19.65 21.20
N VAL A 189 5.93 20.36 20.08
CA VAL A 189 4.73 20.24 19.27
C VAL A 189 4.57 18.79 18.80
N GLU A 190 5.60 18.29 18.09
CA GLU A 190 5.64 16.93 17.59
C GLU A 190 5.26 15.93 18.67
N ALA A 191 5.86 16.11 19.87
CA ALA A 191 5.76 15.14 20.95
C ALA A 191 4.36 15.18 21.56
N ALA A 192 3.73 16.37 21.53
CA ALA A 192 2.41 16.58 22.10
C ALA A 192 1.35 15.97 21.19
N TYR A 193 1.48 16.19 19.87
CA TYR A 193 0.58 15.59 18.90
C TYR A 193 0.68 14.07 18.96
N LEU A 194 1.89 13.53 19.02
CA LEU A 194 2.07 12.09 19.05
C LEU A 194 1.42 11.52 20.31
N ALA A 195 1.50 12.28 21.41
CA ALA A 195 1.04 11.78 22.69
C ALA A 195 -0.48 11.72 22.68
N GLN A 196 -1.11 12.81 22.18
CA GLN A 196 -2.55 12.90 22.04
C GLN A 196 -3.06 11.74 21.18
N PHE A 197 -2.34 11.45 20.07
CA PHE A 197 -2.73 10.41 19.15
C PHE A 197 -2.65 9.06 19.88
N LYS A 198 -1.56 8.87 20.62
CA LYS A 198 -1.36 7.63 21.37
C LYS A 198 -2.56 7.38 22.30
N GLU A 199 -3.01 8.43 23.01
CA GLU A 199 -4.17 8.36 23.88
C GLU A 199 -5.40 7.96 23.07
N ASP A 200 -5.76 8.80 22.10
CA ASP A 200 -6.97 8.67 21.29
C ASP A 200 -7.05 7.30 20.63
N PHE A 201 -5.99 6.93 19.89
CA PHE A 201 -5.97 5.70 19.10
C PHE A 201 -6.04 4.48 20.01
N THR A 202 -5.42 4.58 21.19
CA THR A 202 -5.49 3.52 22.19
C THR A 202 -6.92 3.39 22.69
N LEU A 203 -7.61 4.51 22.90
CA LEU A 203 -8.97 4.50 23.40
C LEU A 203 -9.89 3.90 22.33
N LEU A 204 -9.59 4.19 21.07
CA LEU A 204 -10.35 3.62 19.96
C LEU A 204 -10.20 2.10 19.99
N LEU A 205 -8.95 1.62 20.10
CA LEU A 205 -8.69 0.20 20.00
C LEU A 205 -9.32 -0.55 21.18
N LYS A 206 -9.24 0.05 22.38
CA LYS A 206 -9.73 -0.58 23.61
C LYS A 206 -11.25 -0.75 23.54
N SER A 207 -11.95 0.30 23.06
CA SER A 207 -13.38 0.28 22.84
C SER A 207 -13.76 -0.79 21.81
N ARG A 208 -13.06 -0.82 20.67
CA ARG A 208 -13.42 -1.79 19.64
C ARG A 208 -13.09 -3.19 20.13
N ALA A 209 -12.02 -3.32 20.92
CA ALA A 209 -11.63 -4.63 21.44
C ALA A 209 -12.77 -5.24 22.23
N GLU A 210 -13.46 -4.44 23.04
CA GLU A 210 -14.54 -4.91 23.89
C GLU A 210 -15.75 -5.33 23.06
N GLU A 211 -15.90 -4.74 21.86
CA GLU A 211 -17.12 -4.83 21.07
C GLU A 211 -16.99 -5.89 19.95
N MET A 212 -15.79 -6.44 19.73
CA MET A 212 -15.56 -7.35 18.62
C MET A 212 -15.56 -8.79 19.10
N VAL A 213 -16.14 -9.69 18.29
CA VAL A 213 -16.07 -11.12 18.53
C VAL A 213 -14.61 -11.56 18.43
N GLN A 214 -14.29 -12.71 19.03
CA GLN A 214 -13.02 -13.37 18.81
C GLN A 214 -12.84 -13.61 17.30
N ASN A 215 -11.70 -13.14 16.76
CA ASN A 215 -11.31 -13.35 15.37
C ASN A 215 -12.04 -12.39 14.43
N GLY A 216 -12.64 -11.33 14.97
CA GLY A 216 -13.21 -10.27 14.14
C GLY A 216 -12.09 -9.46 13.52
N ARG A 217 -12.33 -8.86 12.35
CA ARG A 217 -11.33 -8.06 11.69
C ARG A 217 -11.71 -6.58 11.74
N MET A 218 -10.69 -5.72 11.78
CA MET A 218 -10.87 -4.28 11.76
C MET A 218 -9.93 -3.64 10.73
N VAL A 219 -10.51 -2.86 9.80
CA VAL A 219 -9.75 -2.28 8.70
C VAL A 219 -9.75 -0.77 8.88
N LEU A 220 -8.56 -0.20 9.13
CA LEU A 220 -8.46 1.23 9.42
C LEU A 220 -7.57 1.88 8.38
N ILE A 221 -8.13 2.89 7.72
CA ILE A 221 -7.46 3.66 6.68
C ILE A 221 -7.52 5.11 7.14
N LEU A 222 -6.37 5.77 7.17
CA LEU A 222 -6.32 7.15 7.61
C LEU A 222 -5.20 7.91 6.91
N ASN A 223 -5.31 9.24 6.95
CA ASN A 223 -4.30 10.14 6.42
C ASN A 223 -3.06 10.01 7.30
N GLY A 224 -1.88 9.87 6.69
CA GLY A 224 -0.67 9.53 7.41
C GLY A 224 0.59 10.12 6.75
N ARG A 225 1.76 9.60 7.15
CA ARG A 225 3.01 10.06 6.56
C ARG A 225 3.98 8.90 6.43
N GLN A 226 4.90 9.03 5.47
CA GLN A 226 6.11 8.22 5.38
C GLN A 226 7.07 8.69 6.47
N ALA A 227 7.63 7.76 7.27
CA ALA A 227 8.41 8.13 8.43
C ALA A 227 9.57 9.06 8.05
N SER A 228 10.25 8.71 6.94
CA SER A 228 11.42 9.44 6.46
C SER A 228 11.02 10.74 5.75
N ASP A 229 9.74 11.09 5.78
CA ASP A 229 9.31 12.36 5.21
C ASP A 229 9.47 13.45 6.26
N PRO A 230 9.95 14.67 5.89
CA PRO A 230 9.97 15.80 6.84
C PRO A 230 8.55 16.25 7.14
N TRP A 231 8.41 17.15 8.12
CA TRP A 231 7.15 17.84 8.38
C TRP A 231 7.00 18.97 7.36
N GLY A 232 5.79 19.52 7.24
CA GLY A 232 5.54 20.52 6.21
C GLY A 232 4.74 19.96 5.03
N LYS A 233 4.98 20.53 3.84
CA LYS A 233 4.14 20.35 2.66
C LYS A 233 4.07 18.89 2.20
N GLU A 234 5.05 18.08 2.57
CA GLU A 234 5.13 16.70 2.11
C GLU A 234 3.99 15.86 2.68
N SER A 235 3.72 16.01 3.99
CA SER A 235 2.78 15.18 4.71
C SER A 235 1.48 15.92 5.03
N CYS A 236 1.59 17.22 5.35
CA CYS A 236 0.45 18.02 5.77
C CYS A 236 0.26 19.18 4.80
N TYR A 237 0.03 18.88 3.52
CA TYR A 237 -0.07 19.95 2.54
C TYR A 237 -1.15 20.96 2.96
N HIS A 238 -2.30 20.44 3.39
CA HIS A 238 -3.48 21.25 3.63
C HIS A 238 -3.29 22.17 4.84
N TRP A 239 -2.60 21.66 5.86
CA TRP A 239 -2.40 22.43 7.07
C TRP A 239 -1.39 23.55 6.83
N GLU A 240 -0.46 23.30 5.90
CA GLU A 240 0.60 24.24 5.56
C GLU A 240 0.03 25.39 4.73
N VAL A 241 -0.83 25.05 3.77
CA VAL A 241 -1.39 26.00 2.83
C VAL A 241 -2.51 26.80 3.50
N LEU A 242 -3.12 26.23 4.54
CA LEU A 242 -4.14 26.96 5.30
C LEU A 242 -3.45 28.00 6.17
N ALA A 243 -2.34 27.59 6.82
CA ALA A 243 -1.55 28.49 7.65
C ALA A 243 -1.00 29.65 6.80
N GLU A 244 -0.73 29.37 5.52
CA GLU A 244 -0.32 30.42 4.59
C GLU A 244 -1.47 31.42 4.43
N ALA A 245 -2.68 30.92 4.15
CA ALA A 245 -3.83 31.76 3.90
C ALA A 245 -4.15 32.62 5.11
N ILE A 246 -4.06 32.02 6.31
CA ILE A 246 -4.24 32.72 7.57
C ILE A 246 -3.18 33.82 7.67
N SER A 247 -1.94 33.49 7.33
CA SER A 247 -0.80 34.38 7.51
C SER A 247 -0.94 35.60 6.60
N GLU A 248 -1.67 35.43 5.48
CA GLU A 248 -1.93 36.49 4.53
C GLU A 248 -2.97 37.45 5.12
N MET A 249 -3.86 36.91 5.95
CA MET A 249 -4.90 37.69 6.60
C MET A 249 -4.31 38.43 7.80
N VAL A 250 -3.31 37.83 8.45
CA VAL A 250 -2.58 38.47 9.53
C VAL A 250 -1.79 39.64 8.94
N SER A 251 -1.23 39.42 7.73
CA SER A 251 -0.44 40.41 7.01
C SER A 251 -1.31 41.58 6.54
N GLN A 252 -2.58 41.31 6.23
CA GLN A 252 -3.52 42.36 5.87
C GLN A 252 -4.14 42.94 7.13
N GLY A 253 -3.60 42.55 8.30
CA GLY A 253 -4.07 42.99 9.61
C GLY A 253 -5.56 42.78 9.81
N LEU A 254 -6.13 41.75 9.17
CA LEU A 254 -7.53 41.39 9.35
C LEU A 254 -7.68 40.32 10.43
N VAL A 255 -6.56 39.78 10.92
CA VAL A 255 -6.57 38.82 12.02
C VAL A 255 -5.31 39.00 12.88
N ASP A 256 -5.51 38.94 14.19
CA ASP A 256 -4.43 39.00 15.16
C ASP A 256 -3.45 37.86 14.92
N GLU A 257 -2.16 38.18 15.01
CA GLU A 257 -1.10 37.20 14.80
C GLU A 257 -1.07 36.22 15.97
N GLU A 258 -1.67 36.61 17.10
CA GLU A 258 -1.66 35.78 18.29
C GLU A 258 -2.71 34.67 18.14
N LYS A 259 -3.73 34.94 17.31
CA LYS A 259 -4.80 33.98 17.07
C LYS A 259 -4.26 32.79 16.27
N LEU A 260 -3.56 33.08 15.16
CA LEU A 260 -2.92 32.06 14.36
C LEU A 260 -1.92 31.28 15.22
N ASP A 261 -1.21 32.02 16.09
CA ASP A 261 -0.13 31.44 16.85
C ASP A 261 -0.67 30.33 17.76
N SER A 262 -1.78 30.61 18.44
CA SER A 262 -2.30 29.68 19.44
C SER A 262 -3.50 28.91 18.90
N PHE A 263 -3.65 28.86 17.57
CA PHE A 263 -4.60 27.98 16.92
C PHE A 263 -3.88 26.74 16.39
N ASN A 264 -4.48 25.58 16.67
CA ASN A 264 -3.94 24.28 16.29
C ASN A 264 -5.08 23.31 16.00
N VAL A 265 -4.98 22.62 14.86
CA VAL A 265 -6.02 21.72 14.41
C VAL A 265 -5.86 20.39 15.15
N PRO A 266 -6.97 19.78 15.64
CA PRO A 266 -6.91 18.50 16.34
C PRO A 266 -6.84 17.33 15.38
N CYS A 267 -5.70 17.22 14.68
CA CYS A 267 -5.52 16.23 13.63
C CYS A 267 -4.06 15.81 13.57
N TYR A 268 -3.80 14.51 13.41
CA TYR A 268 -2.45 13.97 13.29
C TYR A 268 -2.32 13.04 12.10
N ALA A 269 -1.13 13.05 11.49
CA ALA A 269 -0.74 12.13 10.44
C ALA A 269 0.36 11.21 10.95
N PRO A 270 0.03 9.99 11.44
CA PRO A 270 1.05 9.07 11.96
C PRO A 270 1.81 8.32 10.88
N SER A 271 3.01 7.87 11.24
CA SER A 271 3.76 6.89 10.45
C SER A 271 3.18 5.49 10.74
N GLN A 272 3.47 4.53 9.87
CA GLN A 272 2.98 3.19 10.12
C GLN A 272 3.67 2.60 11.35
N GLU A 273 4.87 3.11 11.67
CA GLU A 273 5.63 2.62 12.81
C GLU A 273 4.94 3.04 14.12
N GLU A 274 4.49 4.31 14.16
CA GLU A 274 3.74 4.81 15.30
C GLU A 274 2.49 3.98 15.53
N VAL A 275 1.68 3.81 14.48
CA VAL A 275 0.48 2.99 14.53
C VAL A 275 0.83 1.62 15.10
N GLN A 276 1.86 1.00 14.54
CA GLN A 276 2.20 -0.37 14.92
C GLN A 276 2.66 -0.43 16.37
N ASP A 277 3.34 0.63 16.84
CA ASP A 277 3.79 0.67 18.22
C ASP A 277 2.58 0.71 19.16
N ILE A 278 1.61 1.56 18.82
CA ILE A 278 0.41 1.73 19.62
C ILE A 278 -0.36 0.40 19.67
N VAL A 279 -0.42 -0.29 18.52
CA VAL A 279 -1.15 -1.56 18.43
C VAL A 279 -0.44 -2.63 19.26
N ASP A 280 0.90 -2.54 19.34
CA ASP A 280 1.69 -3.56 20.03
C ASP A 280 1.40 -3.51 21.53
N LYS A 281 1.13 -2.32 22.07
CA LYS A 281 0.89 -2.12 23.49
C LYS A 281 -0.52 -2.54 23.88
N VAL A 282 -1.43 -2.61 22.90
CA VAL A 282 -2.78 -3.12 23.15
C VAL A 282 -2.79 -4.59 22.77
N GLY A 283 -2.85 -5.47 23.77
CA GLY A 283 -2.53 -6.87 23.55
C GLY A 283 -3.69 -7.70 22.98
N SER A 284 -4.70 -7.04 22.40
CA SER A 284 -5.91 -7.75 22.05
C SER A 284 -6.07 -7.85 20.53
N PHE A 285 -5.08 -7.36 19.78
CA PHE A 285 -5.12 -7.39 18.33
C PHE A 285 -3.79 -7.89 17.77
N ALA A 286 -3.88 -8.69 16.69
CA ALA A 286 -2.76 -9.10 15.88
C ALA A 286 -2.82 -8.35 14.55
N VAL A 287 -1.64 -7.91 14.06
CA VAL A 287 -1.57 -7.14 12.84
C VAL A 287 -1.50 -8.09 11.64
N GLU A 288 -2.39 -7.88 10.66
CA GLU A 288 -2.52 -8.79 9.54
C GLU A 288 -2.06 -8.13 8.24
N HIS A 289 -1.92 -6.81 8.27
CA HIS A 289 -1.60 -6.02 7.09
C HIS A 289 -1.27 -4.59 7.55
N ILE A 290 -0.16 -4.04 7.05
CA ILE A 290 0.26 -2.67 7.32
C ILE A 290 0.85 -2.10 6.03
N GLU A 291 0.54 -0.83 5.75
CA GLU A 291 0.72 -0.29 4.42
C GLU A 291 0.78 1.23 4.55
N THR A 292 1.68 1.84 3.75
CA THR A 292 1.69 3.27 3.48
C THR A 292 1.78 3.45 1.98
N PHE A 293 1.02 4.42 1.44
CA PHE A 293 1.12 4.75 0.02
C PHE A 293 0.90 6.24 -0.20
N THR A 294 1.56 6.78 -1.23
CA THR A 294 1.58 8.21 -1.50
C THR A 294 1.13 8.46 -2.93
N LEU A 295 0.12 9.32 -3.09
CA LEU A 295 -0.46 9.67 -4.38
C LEU A 295 -0.33 11.18 -4.61
N PRO A 296 -0.54 11.68 -5.85
CA PRO A 296 -0.74 13.11 -6.09
C PRO A 296 -2.11 13.52 -5.56
N PHE A 297 -2.17 14.69 -4.91
CA PHE A 297 -3.34 15.19 -4.23
C PHE A 297 -4.40 15.61 -5.25
N ALA A 298 -3.97 16.27 -6.33
CA ALA A 298 -4.88 16.79 -7.34
C ALA A 298 -5.32 15.66 -8.26
N ASN A 299 -6.47 15.85 -8.92
CA ASN A 299 -7.00 14.85 -9.85
C ASN A 299 -6.22 14.94 -11.16
N ASP A 300 -5.55 13.83 -11.53
CA ASP A 300 -4.59 13.84 -12.62
C ASP A 300 -5.31 13.87 -13.97
N GLN A 301 -6.53 13.34 -14.02
CA GLN A 301 -7.30 13.23 -15.26
C GLN A 301 -7.92 14.58 -15.63
N GLU A 302 -7.23 15.67 -15.25
CA GLU A 302 -7.62 17.02 -15.63
C GLU A 302 -6.38 17.75 -16.18
N SER A 303 -6.52 18.26 -17.40
CA SER A 303 -5.41 18.79 -18.19
C SER A 303 -5.15 20.26 -17.85
N ASP A 304 -6.19 20.99 -17.47
CA ASP A 304 -6.08 22.41 -17.14
C ASP A 304 -5.59 22.56 -15.70
N THR A 305 -4.51 23.35 -15.53
CA THR A 305 -3.84 23.54 -14.25
C THR A 305 -4.76 24.30 -13.30
N ARG A 306 -5.50 25.27 -13.84
CA ARG A 306 -6.38 26.12 -13.07
C ARG A 306 -7.44 25.29 -12.35
N VAL A 307 -8.14 24.43 -13.11
CA VAL A 307 -9.28 23.67 -12.61
C VAL A 307 -8.80 22.60 -11.60
N LYS A 308 -7.64 22.00 -11.92
CA LYS A 308 -6.89 21.08 -11.08
C LYS A 308 -6.67 21.67 -9.69
N GLY A 309 -6.18 22.93 -9.65
CA GLY A 309 -5.95 23.68 -8.43
C GLY A 309 -7.24 24.02 -7.71
N GLU A 310 -8.23 24.51 -8.46
CA GLU A 310 -9.49 24.94 -7.90
C GLU A 310 -10.21 23.75 -7.27
N GLN A 311 -10.13 22.59 -7.94
CA GLN A 311 -10.74 21.36 -7.45
C GLN A 311 -10.09 20.93 -6.14
N LEU A 312 -8.75 20.91 -6.11
CA LEU A 312 -8.01 20.52 -4.93
C LEU A 312 -8.36 21.43 -3.76
N ALA A 313 -8.48 22.73 -4.04
CA ALA A 313 -8.83 23.73 -3.05
C ALA A 313 -10.24 23.47 -2.53
N LYS A 314 -11.19 23.23 -3.45
CA LYS A 314 -12.56 22.92 -3.10
C LYS A 314 -12.56 21.70 -2.17
N ASN A 315 -11.79 20.68 -2.57
CA ASN A 315 -11.64 19.44 -1.82
C ASN A 315 -11.19 19.75 -0.40
N ILE A 316 -10.13 20.57 -0.29
CA ILE A 316 -9.54 20.93 1.00
C ILE A 316 -10.56 21.69 1.85
N ARG A 317 -11.29 22.61 1.22
CA ARG A 317 -12.29 23.38 1.93
C ARG A 317 -13.28 22.41 2.56
N SER A 318 -13.74 21.44 1.76
CA SER A 318 -14.87 20.60 2.10
C SER A 318 -14.61 19.79 3.37
N PHE A 319 -13.34 19.59 3.74
CA PHE A 319 -13.05 18.79 4.91
C PHE A 319 -12.39 19.64 6.01
N THR A 320 -12.19 20.94 5.76
CA THR A 320 -11.56 21.80 6.76
C THR A 320 -12.46 22.99 7.13
N GLU A 321 -13.54 23.16 6.38
CA GLU A 321 -14.35 24.37 6.46
C GLU A 321 -14.86 24.60 7.88
N SER A 322 -15.50 23.58 8.45
CA SER A 322 -16.22 23.76 9.69
C SER A 322 -15.29 24.16 10.84
N ILE A 323 -14.07 23.59 10.88
CA ILE A 323 -13.17 23.88 11.99
C ILE A 323 -12.48 25.22 11.81
N ILE A 324 -12.32 25.66 10.54
CA ILE A 324 -11.78 26.96 10.22
C ILE A 324 -12.83 28.03 10.51
N SER A 325 -14.08 27.80 10.07
CA SER A 325 -15.17 28.74 10.22
C SER A 325 -15.46 29.01 11.69
N TYR A 326 -15.45 27.96 12.51
CA TYR A 326 -15.75 28.05 13.93
C TYR A 326 -14.76 28.97 14.64
N GLU A 327 -13.56 29.09 14.06
CA GLU A 327 -12.45 29.73 14.75
C GLU A 327 -12.31 31.18 14.30
N PHE A 328 -12.71 31.47 13.05
CA PHE A 328 -12.41 32.76 12.44
C PHE A 328 -13.69 33.45 11.96
N GLY A 329 -14.83 32.77 12.11
CA GLY A 329 -16.10 33.34 11.68
C GLY A 329 -16.22 33.32 10.16
N LYS A 330 -17.48 33.37 9.70
CA LYS A 330 -17.88 33.16 8.31
C LYS A 330 -17.23 34.16 7.37
N GLU A 331 -17.11 35.41 7.82
CA GLU A 331 -16.69 36.52 6.97
C GLU A 331 -15.23 36.37 6.58
N ILE A 332 -14.38 35.98 7.55
CA ILE A 332 -12.96 35.94 7.25
C ILE A 332 -12.58 34.57 6.68
N THR A 333 -13.35 33.54 7.02
CA THR A 333 -13.16 32.21 6.44
C THR A 333 -13.36 32.27 4.92
N GLU A 334 -14.40 33.01 4.49
CA GLU A 334 -14.70 33.15 3.07
C GLU A 334 -13.52 33.81 2.36
N LYS A 335 -12.80 34.68 3.08
CA LYS A 335 -11.63 35.34 2.54
C LYS A 335 -10.45 34.37 2.52
N VAL A 336 -10.34 33.54 3.56
CA VAL A 336 -9.25 32.58 3.67
C VAL A 336 -9.26 31.61 2.49
N TYR A 337 -10.45 31.08 2.15
CA TYR A 337 -10.57 30.08 1.10
C TYR A 337 -10.29 30.69 -0.27
N HIS A 338 -10.57 31.99 -0.44
CA HIS A 338 -10.31 32.69 -1.69
C HIS A 338 -8.80 32.77 -1.93
N LYS A 339 -8.04 33.02 -0.86
CA LYS A 339 -6.60 33.10 -0.96
C LYS A 339 -6.02 31.70 -1.08
N LEU A 340 -6.66 30.72 -0.42
CA LEU A 340 -6.25 29.32 -0.51
C LEU A 340 -6.32 28.86 -1.96
N THR A 341 -7.39 29.26 -2.66
CA THR A 341 -7.63 28.86 -4.04
C THR A 341 -6.53 29.43 -4.94
N GLN A 342 -5.92 30.55 -4.53
CA GLN A 342 -4.88 31.18 -5.31
C GLN A 342 -3.53 30.50 -5.05
N ILE A 343 -3.35 29.99 -3.82
CA ILE A 343 -2.09 29.37 -3.40
C ILE A 343 -1.96 28.00 -4.05
N VAL A 344 -3.07 27.27 -4.12
CA VAL A 344 -3.04 25.90 -4.62
C VAL A 344 -2.86 25.93 -6.14
N VAL A 345 -3.59 26.85 -6.79
CA VAL A 345 -3.49 27.07 -8.23
C VAL A 345 -2.05 27.38 -8.60
N LYS A 346 -1.37 28.21 -7.80
CA LYS A 346 0.03 28.54 -8.02
C LYS A 346 0.90 27.30 -7.84
N ASP A 347 0.55 26.44 -6.87
CA ASP A 347 1.34 25.28 -6.52
C ASP A 347 1.24 24.21 -7.61
N MET A 348 0.09 24.17 -8.30
CA MET A 348 -0.16 23.18 -9.33
C MET A 348 0.80 23.37 -10.51
N ALA A 349 1.22 24.62 -10.73
CA ALA A 349 1.96 25.00 -11.93
C ALA A 349 3.47 24.78 -11.76
N SER A 350 3.91 24.38 -10.56
CA SER A 350 5.33 24.20 -10.31
C SER A 350 5.63 22.83 -9.68
N ARG A 351 5.43 22.71 -8.37
CA ARG A 351 5.56 21.43 -7.68
C ARG A 351 4.19 20.98 -7.19
N PRO A 352 3.57 19.96 -7.83
CA PRO A 352 2.24 19.48 -7.41
C PRO A 352 2.33 18.66 -6.12
N PRO A 353 1.39 18.86 -5.16
CA PRO A 353 1.46 18.19 -3.87
C PRO A 353 1.02 16.72 -3.87
N THR A 354 1.54 15.96 -2.92
CA THR A 354 1.15 14.58 -2.67
C THR A 354 0.31 14.51 -1.39
N ASN A 355 -0.23 13.31 -1.11
CA ASN A 355 -0.92 13.01 0.13
C ASN A 355 -0.72 11.53 0.46
N THR A 356 -0.59 11.21 1.76
CA THR A 356 -0.17 9.88 2.16
C THR A 356 -1.20 9.20 3.06
N THR A 357 -1.34 7.89 2.87
CA THR A 357 -2.37 7.10 3.52
C THR A 357 -1.69 5.95 4.24
N VAL A 358 -2.09 5.73 5.51
CA VAL A 358 -1.68 4.54 6.24
C VAL A 358 -2.88 3.62 6.38
N VAL A 359 -2.64 2.30 6.22
CA VAL A 359 -3.70 1.32 6.29
C VAL A 359 -3.23 0.17 7.18
N VAL A 360 -4.08 -0.20 8.15
CA VAL A 360 -3.80 -1.36 8.98
C VAL A 360 -5.05 -2.23 9.11
N VAL A 361 -4.81 -3.54 9.24
CA VAL A 361 -5.83 -4.55 9.47
C VAL A 361 -5.46 -5.35 10.72
N LEU A 362 -6.41 -5.43 11.66
CA LEU A 362 -6.24 -6.11 12.94
C LEU A 362 -7.19 -7.30 13.05
N SER A 363 -6.74 -8.32 13.77
CA SER A 363 -7.59 -9.43 14.15
C SER A 363 -7.70 -9.48 15.67
N ARG A 364 -8.91 -9.72 16.17
CA ARG A 364 -9.17 -9.78 17.60
C ARG A 364 -8.75 -11.14 18.13
N THR A 365 -7.91 -11.15 19.18
CA THR A 365 -7.28 -12.37 19.68
C THR A 365 -7.72 -12.67 21.13
N MET A 366 -6.76 -13.20 21.92
CA MET A 366 -6.93 -13.71 23.29
C MET A 366 -8.24 -14.48 23.42
N PHE B 26 -0.46 -16.00 -0.55
CA PHE B 26 0.47 -14.82 -0.64
C PHE B 26 0.52 -14.29 -2.07
N SER B 27 0.94 -15.14 -3.03
CA SER B 27 1.00 -14.73 -4.42
C SER B 27 -0.33 -14.14 -4.87
N GLN B 28 -1.43 -14.73 -4.37
CA GLN B 28 -2.79 -14.31 -4.65
C GLN B 28 -3.04 -12.94 -4.02
N LYS B 29 -2.59 -12.78 -2.76
CA LYS B 29 -2.79 -11.54 -2.04
C LYS B 29 -2.12 -10.39 -2.79
N VAL B 30 -0.90 -10.63 -3.28
CA VAL B 30 -0.09 -9.60 -3.90
C VAL B 30 -0.76 -9.11 -5.18
N THR B 31 -1.19 -10.06 -6.01
CA THR B 31 -1.78 -9.74 -7.30
C THR B 31 -3.11 -9.01 -7.09
N SER B 32 -3.85 -9.39 -6.04
CA SER B 32 -5.17 -8.81 -5.81
C SER B 32 -5.09 -7.41 -5.20
N ILE B 33 -4.10 -7.19 -4.31
CA ILE B 33 -3.91 -5.89 -3.68
C ILE B 33 -3.45 -4.87 -4.73
N THR B 34 -2.64 -5.32 -5.69
CA THR B 34 -1.96 -4.46 -6.65
C THR B 34 -2.82 -4.24 -7.90
N LYS B 35 -3.79 -5.11 -8.15
CA LYS B 35 -4.65 -4.96 -9.32
C LYS B 35 -5.16 -3.53 -9.48
N PRO B 36 -5.73 -2.87 -8.44
CA PRO B 36 -6.21 -1.50 -8.61
C PRO B 36 -5.13 -0.50 -9.03
N ILE B 37 -3.88 -0.78 -8.65
CA ILE B 37 -2.79 0.11 -9.06
C ILE B 37 -2.57 -0.02 -10.56
N LEU B 38 -2.54 -1.28 -11.05
CA LEU B 38 -2.47 -1.53 -12.48
C LEU B 38 -3.61 -0.82 -13.21
N VAL B 39 -4.84 -0.95 -12.67
CA VAL B 39 -6.01 -0.40 -13.32
C VAL B 39 -5.92 1.13 -13.38
N ASN B 40 -5.43 1.75 -12.30
CA ASN B 40 -5.30 3.21 -12.28
C ASN B 40 -4.30 3.67 -13.33
N ALA B 41 -3.19 2.93 -13.44
CA ALA B 41 -2.18 3.20 -14.45
C ALA B 41 -2.77 3.10 -15.85
N ILE B 42 -3.59 2.06 -16.09
CA ILE B 42 -4.28 1.92 -17.35
C ILE B 42 -5.17 3.14 -17.61
N HIS B 43 -5.87 3.61 -16.56
CA HIS B 43 -6.76 4.75 -16.71
C HIS B 43 -6.01 6.00 -17.14
N SER B 44 -4.79 6.16 -16.61
CA SER B 44 -3.92 7.25 -17.02
C SER B 44 -3.69 7.21 -18.54
N LEU B 45 -3.55 6.00 -19.09
CA LEU B 45 -3.30 5.82 -20.51
C LEU B 45 -4.48 6.37 -21.30
N PHE B 46 -5.69 6.24 -20.74
CA PHE B 46 -6.89 6.64 -21.48
C PHE B 46 -7.00 8.16 -21.59
N SER B 47 -6.48 8.88 -20.58
CA SER B 47 -6.60 10.33 -20.61
C SER B 47 -5.49 10.92 -21.49
N GLU B 48 -4.74 10.04 -22.16
CA GLU B 48 -3.76 10.41 -23.18
C GLU B 48 -4.28 9.99 -24.55
N TYR B 49 -5.43 9.32 -24.56
CA TYR B 49 -6.12 8.90 -25.77
C TYR B 49 -5.30 7.82 -26.48
N PHE B 50 -4.59 7.01 -25.68
CA PHE B 50 -3.79 5.91 -26.22
C PHE B 50 -4.71 4.81 -26.76
N HIS B 51 -5.94 4.77 -26.23
CA HIS B 51 -6.95 3.83 -26.66
C HIS B 51 -7.46 4.18 -28.05
N ARG B 52 -7.13 5.40 -28.53
CA ARG B 52 -7.56 5.88 -29.84
C ARG B 52 -6.50 5.58 -30.91
N GLU B 53 -5.31 5.15 -30.48
CA GLU B 53 -4.25 4.73 -31.39
C GLU B 53 -4.61 3.36 -31.98
N LYS B 54 -3.89 2.96 -33.03
CA LYS B 54 -4.20 1.74 -33.76
C LYS B 54 -3.86 0.51 -32.91
N VAL B 55 -2.80 0.60 -32.10
CA VAL B 55 -2.42 -0.52 -31.25
C VAL B 55 -1.93 0.01 -29.90
N LEU B 56 -2.27 -0.72 -28.83
CA LEU B 56 -1.72 -0.44 -27.51
C LEU B 56 -0.71 -1.54 -27.18
N ASN B 57 0.52 -1.14 -26.85
CA ASN B 57 1.63 -2.06 -26.64
C ASN B 57 1.98 -2.18 -25.15
N VAL B 58 2.03 -3.42 -24.66
CA VAL B 58 2.25 -3.69 -23.25
C VAL B 58 3.36 -4.71 -23.12
N ALA B 59 4.19 -4.53 -22.09
CA ALA B 59 5.25 -5.46 -21.79
C ALA B 59 5.16 -5.88 -20.33
N ASP B 60 5.34 -7.17 -20.09
CA ASP B 60 5.46 -7.74 -18.77
C ASP B 60 6.89 -8.27 -18.58
N LEU B 61 7.67 -7.66 -17.67
CA LEU B 61 9.04 -8.07 -17.45
C LEU B 61 9.13 -9.22 -16.45
N GLY B 62 9.75 -10.34 -16.88
CA GLY B 62 9.94 -11.52 -16.04
C GLY B 62 8.62 -12.21 -15.74
N CYS B 63 7.98 -12.72 -16.79
CA CYS B 63 6.58 -13.16 -16.75
C CYS B 63 6.47 -14.56 -16.18
N ALA B 64 7.59 -15.31 -16.17
CA ALA B 64 7.58 -16.73 -15.86
C ALA B 64 6.54 -17.46 -16.71
N ALA B 65 5.82 -18.43 -16.11
CA ALA B 65 4.92 -19.28 -16.88
C ALA B 65 3.57 -19.48 -16.18
N GLY B 66 3.42 -18.93 -14.96
CA GLY B 66 2.23 -19.16 -14.15
C GLY B 66 1.02 -18.33 -14.59
N PRO B 67 0.01 -18.14 -13.71
CA PRO B 67 -1.21 -17.41 -14.10
C PRO B 67 -1.19 -15.88 -14.10
N ASN B 68 -0.16 -15.28 -13.49
CA ASN B 68 -0.08 -13.83 -13.35
C ASN B 68 -0.11 -13.12 -14.71
N PRO B 69 0.73 -13.51 -15.71
CA PRO B 69 0.64 -12.92 -17.05
C PRO B 69 -0.75 -12.98 -17.68
N PHE B 70 -1.48 -14.09 -17.48
CA PHE B 70 -2.83 -14.22 -18.03
C PHE B 70 -3.70 -13.12 -17.43
N SER B 71 -3.52 -12.90 -16.12
CA SER B 71 -4.34 -11.96 -15.39
C SER B 71 -4.02 -10.51 -15.81
N VAL B 72 -2.73 -10.23 -16.10
CA VAL B 72 -2.34 -8.90 -16.57
C VAL B 72 -2.97 -8.63 -17.94
N ILE B 73 -2.96 -9.66 -18.81
CA ILE B 73 -3.54 -9.55 -20.14
C ILE B 73 -5.05 -9.28 -20.01
N LEU B 74 -5.74 -10.03 -19.15
CA LEU B 74 -7.17 -9.86 -18.96
C LEU B 74 -7.49 -8.46 -18.44
N THR B 75 -6.73 -8.00 -17.44
CA THR B 75 -7.00 -6.71 -16.84
C THR B 75 -6.94 -5.61 -17.90
N VAL B 76 -5.90 -5.64 -18.74
CA VAL B 76 -5.76 -4.61 -19.76
C VAL B 76 -6.88 -4.77 -20.79
N LYS B 77 -7.11 -6.01 -21.24
CA LYS B 77 -8.10 -6.29 -22.27
C LYS B 77 -9.47 -5.83 -21.77
N GLU B 78 -9.86 -6.22 -20.55
CA GLU B 78 -11.17 -5.88 -20.03
C GLU B 78 -11.31 -4.37 -19.89
N SER B 79 -10.29 -3.69 -19.36
CA SER B 79 -10.40 -2.24 -19.16
C SER B 79 -10.47 -1.51 -20.50
N LEU B 80 -9.76 -2.02 -21.51
CA LEU B 80 -9.75 -1.38 -22.82
C LEU B 80 -11.12 -1.54 -23.49
N GLU B 81 -11.71 -2.74 -23.39
CA GLU B 81 -13.00 -3.04 -23.99
C GLU B 81 -14.10 -2.25 -23.30
N ARG B 82 -14.00 -2.13 -21.97
CA ARG B 82 -14.99 -1.47 -21.13
C ARG B 82 -15.09 0.01 -21.49
N LYS B 83 -13.95 0.63 -21.81
CA LYS B 83 -13.89 2.07 -22.05
C LYS B 83 -14.35 2.41 -23.47
N CYS B 84 -14.14 1.49 -24.41
CA CYS B 84 -14.50 1.77 -25.79
C CYS B 84 -16.00 1.59 -25.99
N LYS B 85 -16.62 0.78 -25.11
CA LYS B 85 -18.06 0.66 -25.00
C LYS B 85 -18.67 2.01 -24.61
N GLU B 86 -18.02 2.71 -23.67
CA GLU B 86 -18.54 3.98 -23.18
C GLU B 86 -18.44 5.06 -24.25
N LEU B 87 -17.33 5.06 -25.00
CA LEU B 87 -17.06 6.13 -25.95
C LEU B 87 -17.61 5.82 -27.35
N ASN B 88 -18.18 4.61 -27.52
CA ASN B 88 -18.81 4.16 -28.76
C ASN B 88 -17.83 4.17 -29.95
N CYS B 89 -16.61 3.69 -29.70
CA CYS B 89 -15.59 3.60 -30.74
C CYS B 89 -15.09 2.16 -30.80
N GLN B 90 -14.39 1.83 -31.88
CA GLN B 90 -13.78 0.51 -31.95
C GLN B 90 -12.54 0.51 -31.08
N PRO B 91 -12.29 -0.56 -30.31
CA PRO B 91 -11.12 -0.62 -29.45
C PRO B 91 -9.87 -0.79 -30.32
N ALA B 92 -8.80 -0.05 -29.94
CA ALA B 92 -7.44 -0.29 -30.41
C ALA B 92 -7.11 -1.78 -30.25
N GLU B 93 -6.21 -2.26 -31.11
CA GLU B 93 -5.72 -3.61 -30.97
C GLU B 93 -4.72 -3.63 -29.83
N LEU B 94 -4.48 -4.82 -29.29
CA LEU B 94 -3.63 -4.95 -28.12
C LEU B 94 -2.45 -5.85 -28.49
N GLN B 95 -1.23 -5.39 -28.19
CA GLN B 95 -0.07 -6.25 -28.32
C GLN B 95 0.60 -6.37 -26.95
N VAL B 96 0.75 -7.61 -26.47
CA VAL B 96 1.36 -7.88 -25.19
C VAL B 96 2.63 -8.71 -25.40
N TYR B 97 3.76 -8.13 -25.02
CA TYR B 97 5.05 -8.82 -24.97
C TYR B 97 5.23 -9.44 -23.61
N LEU B 98 5.45 -10.76 -23.57
CA LEU B 98 5.76 -11.46 -22.33
C LEU B 98 7.27 -11.77 -22.27
N ASN B 99 8.02 -10.93 -21.55
CA ASN B 99 9.47 -11.07 -21.43
C ASN B 99 9.83 -12.00 -20.28
N ASP B 100 10.83 -12.86 -20.52
CA ASP B 100 11.56 -13.61 -19.51
C ASP B 100 12.86 -14.13 -20.13
N LEU B 101 13.78 -14.64 -19.28
CA LEU B 101 15.06 -15.14 -19.73
C LEU B 101 14.84 -16.31 -20.69
N PRO B 102 15.80 -16.58 -21.62
CA PRO B 102 15.65 -17.66 -22.59
C PRO B 102 15.39 -19.04 -22.01
N GLY B 103 15.68 -19.26 -20.73
CA GLY B 103 15.52 -20.60 -20.19
C GLY B 103 14.12 -20.86 -19.66
N ASN B 104 13.27 -19.83 -19.78
CA ASN B 104 11.90 -19.88 -19.28
C ASN B 104 11.09 -20.86 -20.13
N ASP B 105 10.07 -21.44 -19.49
CA ASP B 105 9.24 -22.44 -20.12
C ASP B 105 8.13 -21.73 -20.89
N PHE B 106 8.51 -21.12 -22.02
CA PHE B 106 7.57 -20.48 -22.92
C PHE B 106 6.62 -21.52 -23.53
N ASN B 107 7.08 -22.76 -23.67
CA ASN B 107 6.23 -23.80 -24.24
C ASN B 107 4.95 -23.91 -23.42
N SER B 108 5.08 -24.10 -22.10
CA SER B 108 3.92 -24.24 -21.21
C SER B 108 3.06 -22.98 -21.25
N LEU B 109 3.71 -21.81 -21.15
CA LEU B 109 3.03 -20.53 -21.15
C LEU B 109 2.11 -20.42 -22.37
N PHE B 110 2.65 -20.74 -23.55
CA PHE B 110 1.95 -20.57 -24.81
C PHE B 110 0.82 -21.59 -24.96
N LYS B 111 1.01 -22.78 -24.37
CA LYS B 111 0.01 -23.84 -24.40
C LYS B 111 -1.19 -23.44 -23.54
N ASP B 112 -0.93 -22.84 -22.37
CA ASP B 112 -1.97 -22.40 -21.45
C ASP B 112 -2.71 -21.19 -22.01
N LEU B 113 -2.02 -20.34 -22.77
CA LEU B 113 -2.66 -19.15 -23.33
C LEU B 113 -3.64 -19.53 -24.43
N SER B 114 -3.63 -20.82 -24.82
CA SER B 114 -4.51 -21.34 -25.84
C SER B 114 -5.90 -21.61 -25.27
N GLY B 115 -6.00 -21.69 -23.94
CA GLY B 115 -7.26 -21.92 -23.24
C GLY B 115 -7.55 -20.81 -22.23
N VAL B 124 -6.43 -14.87 -24.16
CA VAL B 124 -7.37 -14.07 -24.98
C VAL B 124 -7.07 -14.29 -26.46
N LEU B 125 -7.99 -13.84 -27.32
CA LEU B 125 -7.78 -13.82 -28.76
C LEU B 125 -8.35 -12.53 -29.36
N ARG B 126 -9.13 -12.67 -30.43
CA ARG B 126 -9.76 -11.58 -31.18
C ARG B 126 -8.71 -10.58 -31.68
N THR B 127 -8.65 -9.45 -30.97
CA THR B 127 -7.86 -8.29 -31.34
C THR B 127 -6.61 -8.22 -30.46
N CYS B 128 -6.11 -9.41 -30.04
CA CYS B 128 -5.16 -9.53 -28.94
C CYS B 128 -3.95 -10.40 -29.32
N PHE B 129 -2.78 -9.77 -29.45
CA PHE B 129 -1.60 -10.41 -30.02
C PHE B 129 -0.52 -10.53 -28.94
N VAL B 130 -0.28 -11.78 -28.52
CA VAL B 130 0.58 -12.11 -27.39
C VAL B 130 1.87 -12.72 -27.91
N MET B 131 3.00 -12.13 -27.51
CA MET B 131 4.32 -12.50 -27.99
C MET B 131 5.19 -12.96 -26.82
N GLY B 132 6.17 -13.82 -27.14
CA GLY B 132 7.28 -14.11 -26.24
C GLY B 132 8.50 -13.28 -26.61
N ALA B 133 9.09 -12.64 -25.60
CA ALA B 133 10.27 -11.81 -25.77
C ALA B 133 11.38 -12.33 -24.86
N PRO B 134 12.13 -13.37 -25.30
CA PRO B 134 13.27 -13.89 -24.53
C PRO B 134 14.44 -12.91 -24.49
N GLY B 135 15.14 -12.86 -23.35
CA GLY B 135 16.22 -11.92 -23.10
C GLY B 135 16.20 -11.40 -21.66
N SER B 136 17.23 -10.65 -21.29
CA SER B 136 17.31 -10.00 -19.98
C SER B 136 16.72 -8.59 -20.07
N PHE B 137 15.95 -8.21 -19.04
CA PHE B 137 15.42 -6.85 -19.03
C PHE B 137 16.50 -5.83 -18.68
N TYR B 138 17.71 -6.31 -18.37
CA TYR B 138 18.87 -5.43 -18.16
C TYR B 138 19.55 -5.14 -19.49
N GLY B 139 18.93 -4.27 -20.30
CA GLY B 139 19.33 -4.10 -21.69
C GLY B 139 18.11 -3.82 -22.55
N ARG B 140 18.33 -3.53 -23.84
CA ARG B 140 17.24 -3.25 -24.74
C ARG B 140 16.50 -4.54 -25.09
N LEU B 141 15.17 -4.45 -25.24
CA LEU B 141 14.36 -5.63 -25.55
C LEU B 141 13.38 -5.35 -26.68
N PHE B 142 13.09 -4.06 -26.92
CA PHE B 142 11.99 -3.64 -27.78
C PHE B 142 12.36 -2.40 -28.57
N PRO B 143 11.70 -2.13 -29.72
CA PRO B 143 11.94 -0.90 -30.49
C PRO B 143 11.81 0.36 -29.63
N ARG B 144 12.43 1.44 -30.10
CA ARG B 144 12.40 2.76 -29.48
C ARG B 144 10.97 3.29 -29.42
N SER B 145 10.62 3.83 -28.24
CA SER B 145 9.38 4.52 -27.93
C SER B 145 8.17 3.94 -28.66
N CYS B 146 7.77 2.72 -28.25
CA CYS B 146 6.59 2.05 -28.76
C CYS B 146 5.71 1.50 -27.63
N LEU B 147 6.27 1.37 -26.42
CA LEU B 147 5.51 0.79 -25.32
C LEU B 147 4.64 1.85 -24.63
N HIS B 148 3.36 1.51 -24.39
CA HIS B 148 2.47 2.39 -23.67
C HIS B 148 2.42 2.01 -22.18
N LEU B 149 2.55 0.72 -21.89
CA LEU B 149 2.44 0.22 -20.54
C LEU B 149 3.50 -0.85 -20.33
N VAL B 150 4.26 -0.72 -19.26
CA VAL B 150 5.19 -1.75 -18.81
C VAL B 150 4.73 -2.21 -17.43
N HIS B 151 4.75 -3.53 -17.22
CA HIS B 151 4.36 -4.12 -15.94
C HIS B 151 5.39 -5.16 -15.50
N SER B 152 5.62 -5.24 -14.17
CA SER B 152 6.52 -6.22 -13.61
C SER B 152 6.15 -6.53 -12.16
N CYS B 153 6.00 -7.83 -11.85
CA CYS B 153 5.62 -8.26 -10.52
C CYS B 153 6.58 -9.35 -10.06
N TYR B 154 7.42 -9.01 -9.08
CA TYR B 154 8.30 -9.96 -8.40
C TYR B 154 9.43 -10.48 -9.30
N SER B 155 10.05 -9.57 -10.07
CA SER B 155 11.16 -9.91 -10.93
C SER B 155 12.34 -8.98 -10.67
N VAL B 156 12.10 -7.67 -10.60
CA VAL B 156 13.19 -6.72 -10.75
C VAL B 156 13.99 -6.59 -9.44
N HIS B 157 13.73 -7.49 -8.50
CA HIS B 157 14.56 -7.55 -7.30
C HIS B 157 15.75 -8.49 -7.52
N TRP B 158 15.69 -9.29 -8.60
CA TRP B 158 16.76 -10.19 -9.00
C TRP B 158 17.85 -9.37 -9.68
N LEU B 159 19.10 -9.61 -9.25
CA LEU B 159 20.22 -8.83 -9.76
C LEU B 159 20.80 -9.52 -11.00
N SER B 160 21.62 -8.78 -11.76
CA SER B 160 22.20 -9.28 -13.00
C SER B 160 23.40 -10.19 -12.75
N GLN B 161 23.95 -10.15 -11.54
CA GLN B 161 25.08 -10.95 -11.09
C GLN B 161 25.10 -10.89 -9.57
N VAL B 162 25.72 -11.89 -8.93
CA VAL B 162 26.03 -11.76 -7.50
C VAL B 162 26.88 -10.51 -7.32
N PRO B 163 26.60 -9.64 -6.32
CA PRO B 163 27.33 -8.37 -6.20
C PRO B 163 28.82 -8.59 -5.90
N LYS B 164 29.64 -7.71 -6.47
CA LYS B 164 31.08 -7.73 -6.29
C LYS B 164 31.40 -7.12 -4.93
N GLY B 165 32.53 -7.53 -4.34
CA GLY B 165 32.94 -6.96 -3.07
C GLY B 165 32.35 -7.73 -1.90
N LEU B 166 32.03 -9.01 -2.14
CA LEU B 166 31.71 -9.96 -1.08
C LEU B 166 32.92 -10.89 -0.89
N THR B 167 34.10 -10.37 -1.26
CA THR B 167 35.38 -11.04 -1.08
C THR B 167 36.44 -10.02 -0.65
N GLY B 171 41.47 -11.74 -1.37
CA GLY B 171 40.35 -12.69 -1.42
C GLY B 171 39.59 -12.75 -0.09
N LEU B 172 39.21 -13.96 0.30
CA LEU B 172 38.56 -14.29 1.56
C LEU B 172 37.10 -13.79 1.56
N PRO B 173 36.12 -14.65 1.90
CA PRO B 173 34.70 -14.30 1.79
C PRO B 173 34.13 -13.54 2.99
N LEU B 174 33.71 -12.29 2.74
CA LEU B 174 32.88 -11.53 3.68
C LEU B 174 31.49 -12.17 3.70
N ASN B 175 30.71 -11.88 4.74
CA ASN B 175 29.37 -12.45 4.87
C ASN B 175 29.48 -13.96 5.08
N LYS B 176 30.08 -14.35 6.22
CA LYS B 176 30.53 -15.71 6.44
C LYS B 176 29.35 -16.69 6.57
N GLY B 177 28.34 -16.36 7.38
CA GLY B 177 27.39 -17.38 7.77
C GLY B 177 26.21 -17.54 6.81
N LYS B 178 26.07 -16.61 5.85
CA LYS B 178 24.77 -16.31 5.27
C LYS B 178 24.80 -16.31 3.74
N ILE B 179 23.60 -16.21 3.13
CA ILE B 179 23.47 -16.22 1.69
C ILE B 179 22.84 -14.92 1.18
N ASN B 180 22.41 -14.05 2.12
CA ASN B 180 21.97 -12.69 1.80
C ASN B 180 22.33 -11.79 2.99
N ILE B 181 21.93 -10.50 2.96
CA ILE B 181 22.17 -9.57 4.05
C ILE B 181 21.45 -10.06 5.31
N SER B 182 22.15 -10.01 6.44
CA SER B 182 21.64 -10.58 7.68
C SER B 182 21.93 -9.66 8.88
N LYS B 183 21.47 -10.11 10.06
CA LYS B 183 21.77 -9.51 11.34
C LYS B 183 23.28 -9.53 11.55
N THR B 184 23.91 -10.66 11.17
CA THR B 184 25.30 -10.97 11.43
C THR B 184 26.22 -10.40 10.35
N SER B 185 25.65 -9.84 9.28
CA SER B 185 26.46 -9.41 8.14
C SER B 185 27.18 -8.11 8.45
N PRO B 186 28.50 -8.00 8.12
CA PRO B 186 29.21 -6.73 8.25
C PRO B 186 28.61 -5.66 7.34
N PRO B 187 28.73 -4.36 7.70
CA PRO B 187 28.25 -3.26 6.86
C PRO B 187 28.59 -3.29 5.37
N VAL B 188 29.66 -3.99 4.99
CA VAL B 188 30.13 -3.97 3.61
C VAL B 188 29.21 -4.80 2.71
N VAL B 189 28.60 -5.84 3.28
CA VAL B 189 27.64 -6.66 2.55
C VAL B 189 26.47 -5.78 2.10
N GLU B 190 25.82 -5.10 3.06
CA GLU B 190 24.73 -4.17 2.80
C GLU B 190 25.07 -3.22 1.67
N ALA B 191 26.28 -2.64 1.72
CA ALA B 191 26.67 -1.57 0.82
C ALA B 191 26.93 -2.11 -0.59
N ALA B 192 27.35 -3.38 -0.65
CA ALA B 192 27.66 -4.06 -1.91
C ALA B 192 26.36 -4.41 -2.63
N TYR B 193 25.40 -4.95 -1.88
CA TYR B 193 24.10 -5.29 -2.42
C TYR B 193 23.41 -4.03 -2.92
N LEU B 194 23.47 -2.94 -2.15
CA LEU B 194 22.81 -1.70 -2.54
C LEU B 194 23.44 -1.17 -3.83
N ALA B 195 24.75 -1.36 -3.96
CA ALA B 195 25.48 -0.78 -5.07
C ALA B 195 25.10 -1.51 -6.36
N GLN B 196 25.06 -2.85 -6.25
CA GLN B 196 24.66 -3.72 -7.35
C GLN B 196 23.27 -3.34 -7.83
N PHE B 197 22.36 -3.13 -6.85
CA PHE B 197 20.97 -2.82 -7.15
C PHE B 197 20.90 -1.48 -7.88
N LYS B 198 21.67 -0.49 -7.39
CA LYS B 198 21.66 0.83 -7.98
C LYS B 198 22.04 0.74 -9.46
N GLU B 199 23.07 -0.06 -9.76
CA GLU B 199 23.52 -0.30 -11.12
C GLU B 199 22.38 -0.91 -11.94
N ASP B 200 21.95 -2.11 -11.52
CA ASP B 200 20.94 -2.92 -12.21
C ASP B 200 19.67 -2.11 -12.49
N PHE B 201 19.10 -1.53 -11.42
CA PHE B 201 17.81 -0.86 -11.49
C PHE B 201 17.90 0.38 -12.38
N THR B 202 19.05 1.06 -12.36
CA THR B 202 19.31 2.19 -13.24
C THR B 202 19.32 1.73 -14.69
N LEU B 203 19.97 0.57 -14.94
CA LEU B 203 20.07 0.05 -16.29
C LEU B 203 18.67 -0.38 -16.78
N LEU B 204 17.85 -0.90 -15.86
CA LEU B 204 16.47 -1.25 -16.20
C LEU B 204 15.73 0.00 -16.64
N LEU B 205 15.81 1.07 -15.84
CA LEU B 205 15.01 2.25 -16.09
C LEU B 205 15.44 2.92 -17.41
N LYS B 206 16.76 2.92 -17.67
CA LYS B 206 17.31 3.57 -18.85
C LYS B 206 16.83 2.86 -20.12
N SER B 207 16.88 1.52 -20.10
CA SER B 207 16.38 0.69 -21.19
C SER B 207 14.89 0.93 -21.42
N ARG B 208 14.08 0.92 -20.34
CA ARG B 208 12.64 1.08 -20.51
C ARG B 208 12.33 2.49 -20.99
N ALA B 209 13.14 3.45 -20.52
CA ALA B 209 12.95 4.85 -20.89
C ALA B 209 13.04 5.00 -22.41
N GLU B 210 13.99 4.30 -23.03
CA GLU B 210 14.22 4.38 -24.48
C GLU B 210 13.06 3.76 -25.25
N GLU B 211 12.33 2.83 -24.62
CA GLU B 211 11.36 1.98 -25.29
C GLU B 211 9.93 2.47 -25.09
N MET B 212 9.71 3.46 -24.21
CA MET B 212 8.36 3.88 -23.86
C MET B 212 7.99 5.16 -24.61
N VAL B 213 6.72 5.25 -25.03
CA VAL B 213 6.18 6.46 -25.61
C VAL B 213 6.18 7.55 -24.54
N GLN B 214 6.12 8.82 -24.99
CA GLN B 214 5.87 9.94 -24.10
C GLN B 214 4.56 9.69 -23.34
N ASN B 215 4.62 9.75 -22.00
CA ASN B 215 3.45 9.61 -21.15
C ASN B 215 3.02 8.16 -20.97
N GLY B 216 3.90 7.22 -21.30
CA GLY B 216 3.64 5.82 -21.03
C GLY B 216 3.83 5.57 -19.54
N ARG B 217 3.12 4.56 -19.01
CA ARG B 217 3.22 4.24 -17.59
C ARG B 217 3.95 2.93 -17.41
N MET B 218 4.65 2.82 -16.26
CA MET B 218 5.36 1.61 -15.88
C MET B 218 5.02 1.26 -14.44
N VAL B 219 4.55 0.03 -14.21
CA VAL B 219 4.14 -0.40 -12.89
C VAL B 219 5.11 -1.48 -12.43
N LEU B 220 5.87 -1.19 -11.36
CA LEU B 220 6.86 -2.13 -10.86
C LEU B 220 6.51 -2.51 -9.43
N ILE B 221 6.39 -3.83 -9.21
CA ILE B 221 6.09 -4.43 -7.94
C ILE B 221 7.22 -5.41 -7.66
N LEU B 222 7.84 -5.33 -6.48
CA LEU B 222 8.94 -6.21 -6.15
C LEU B 222 9.01 -6.45 -4.64
N ASN B 223 9.71 -7.52 -4.27
CA ASN B 223 9.94 -7.89 -2.88
C ASN B 223 10.87 -6.83 -2.31
N GLY B 224 10.53 -6.31 -1.12
CA GLY B 224 11.23 -5.16 -0.56
C GLY B 224 11.24 -5.16 0.97
N ARG B 225 11.56 -4.00 1.55
CA ARG B 225 11.59 -3.89 3.00
C ARG B 225 11.09 -2.51 3.42
N GLN B 226 10.57 -2.44 4.65
CA GLN B 226 10.32 -1.18 5.35
C GLN B 226 11.66 -0.66 5.86
N ALA B 227 11.95 0.62 5.63
CA ALA B 227 13.28 1.16 5.88
C ALA B 227 13.72 0.91 7.33
N SER B 228 12.79 1.18 8.26
CA SER B 228 13.03 1.04 9.69
C SER B 228 13.06 -0.42 10.14
N ASP B 229 12.97 -1.36 9.20
CA ASP B 229 13.04 -2.76 9.54
C ASP B 229 14.51 -3.16 9.63
N PRO B 230 14.91 -4.01 10.62
CA PRO B 230 16.26 -4.55 10.66
C PRO B 230 16.50 -5.50 9.49
N TRP B 231 17.76 -5.94 9.32
CA TRP B 231 18.05 -7.05 8.43
C TRP B 231 17.73 -8.37 9.12
N GLY B 232 17.71 -9.46 8.35
CA GLY B 232 17.42 -10.76 8.93
C GLY B 232 15.99 -11.21 8.63
N LYS B 233 15.37 -11.88 9.60
CA LYS B 233 14.11 -12.59 9.40
C LYS B 233 12.97 -11.65 9.03
N GLU B 234 13.10 -10.35 9.34
CA GLU B 234 12.06 -9.36 9.12
C GLU B 234 11.80 -9.18 7.62
N SER B 235 12.88 -9.02 6.84
CA SER B 235 12.81 -8.65 5.44
C SER B 235 13.15 -9.83 4.52
N CYS B 236 14.13 -10.65 4.94
CA CYS B 236 14.63 -11.75 4.14
C CYS B 236 14.40 -13.08 4.87
N TYR B 237 13.14 -13.39 5.20
CA TYR B 237 12.87 -14.60 5.96
C TYR B 237 13.48 -15.82 5.25
N HIS B 238 13.28 -15.89 3.93
CA HIS B 238 13.60 -17.07 3.14
C HIS B 238 15.12 -17.27 3.06
N TRP B 239 15.87 -16.17 2.96
CA TRP B 239 17.31 -16.27 2.83
C TRP B 239 17.94 -16.67 4.17
N GLU B 240 17.27 -16.29 5.26
CA GLU B 240 17.74 -16.55 6.61
C GLU B 240 17.54 -18.03 6.94
N VAL B 241 16.37 -18.54 6.59
CA VAL B 241 15.96 -19.89 6.95
C VAL B 241 16.65 -20.90 6.01
N LEU B 242 17.04 -20.44 4.81
CA LEU B 242 17.80 -21.30 3.92
C LEU B 242 19.23 -21.43 4.43
N ALA B 243 19.82 -20.31 4.85
CA ALA B 243 21.16 -20.30 5.41
C ALA B 243 21.22 -21.17 6.68
N GLU B 244 20.10 -21.24 7.40
CA GLU B 244 19.99 -22.12 8.55
C GLU B 244 20.09 -23.58 8.08
N ALA B 245 19.31 -23.94 7.06
CA ALA B 245 19.26 -25.31 6.57
C ALA B 245 20.62 -25.72 6.01
N ILE B 246 21.29 -24.81 5.29
CA ILE B 246 22.64 -25.03 4.80
C ILE B 246 23.56 -25.29 6.00
N SER B 247 23.42 -24.46 7.05
CA SER B 247 24.32 -24.51 8.20
C SER B 247 24.19 -25.84 8.94
N GLU B 248 23.01 -26.46 8.82
CA GLU B 248 22.73 -27.75 9.42
C GLU B 248 23.44 -28.84 8.63
N MET B 249 23.60 -28.62 7.33
CA MET B 249 24.30 -29.55 6.44
C MET B 249 25.81 -29.40 6.62
N VAL B 250 26.27 -28.19 6.92
CA VAL B 250 27.67 -27.95 7.23
C VAL B 250 27.99 -28.65 8.54
N SER B 251 27.04 -28.58 9.49
CA SER B 251 27.16 -29.17 10.81
C SER B 251 27.17 -30.70 10.74
N GLN B 252 26.46 -31.26 9.76
CA GLN B 252 26.49 -32.70 9.53
C GLN B 252 27.67 -33.06 8.64
N GLY B 253 28.54 -32.07 8.39
CA GLY B 253 29.72 -32.23 7.55
C GLY B 253 29.39 -32.80 6.16
N LEU B 254 28.19 -32.51 5.64
CA LEU B 254 27.80 -32.92 4.31
C LEU B 254 28.07 -31.80 3.30
N VAL B 255 28.49 -30.63 3.80
CA VAL B 255 28.82 -29.49 2.96
C VAL B 255 29.98 -28.71 3.61
N ASP B 256 30.93 -28.32 2.78
CA ASP B 256 32.06 -27.51 3.23
C ASP B 256 31.54 -26.17 3.74
N GLU B 257 32.12 -25.70 4.85
CA GLU B 257 31.69 -24.44 5.44
C GLU B 257 32.17 -23.28 4.57
N GLU B 258 33.14 -23.52 3.68
CA GLU B 258 33.66 -22.49 2.81
C GLU B 258 32.67 -22.22 1.68
N LYS B 259 31.87 -23.24 1.36
CA LYS B 259 30.90 -23.15 0.28
C LYS B 259 29.77 -22.20 0.69
N LEU B 260 29.21 -22.44 1.88
CA LEU B 260 28.19 -21.57 2.45
C LEU B 260 28.73 -20.14 2.56
N ASP B 261 29.99 -20.04 2.96
CA ASP B 261 30.60 -18.75 3.27
C ASP B 261 30.59 -17.87 2.03
N SER B 262 31.01 -18.45 0.90
CA SER B 262 31.19 -17.67 -0.32
C SER B 262 30.05 -17.92 -1.31
N PHE B 263 28.91 -18.41 -0.78
CA PHE B 263 27.67 -18.46 -1.54
C PHE B 263 26.78 -17.29 -1.14
N ASN B 264 26.25 -16.60 -2.16
CA ASN B 264 25.43 -15.41 -1.96
C ASN B 264 24.44 -15.31 -3.11
N VAL B 265 23.16 -15.10 -2.74
CA VAL B 265 22.08 -15.05 -3.70
C VAL B 265 22.05 -13.67 -4.36
N PRO B 266 21.90 -13.59 -5.70
CA PRO B 266 21.89 -12.30 -6.39
C PRO B 266 20.49 -11.66 -6.34
N CYS B 267 20.12 -11.24 -5.12
CA CYS B 267 18.77 -10.76 -4.87
C CYS B 267 18.81 -9.69 -3.78
N TYR B 268 18.07 -8.59 -4.00
CA TYR B 268 18.02 -7.49 -3.06
C TYR B 268 16.58 -7.09 -2.75
N ALA B 269 16.34 -6.72 -1.50
CA ALA B 269 15.07 -6.16 -1.04
C ALA B 269 15.26 -4.68 -0.70
N PRO B 270 14.96 -3.75 -1.64
CA PRO B 270 15.12 -2.32 -1.37
C PRO B 270 14.01 -1.71 -0.54
N SER B 271 14.32 -0.58 0.10
CA SER B 271 13.33 0.29 0.70
C SER B 271 12.68 1.12 -0.42
N GLN B 272 11.51 1.70 -0.13
CA GLN B 272 10.88 2.55 -1.14
C GLN B 272 11.73 3.81 -1.36
N GLU B 273 12.51 4.17 -0.34
CA GLU B 273 13.35 5.36 -0.41
C GLU B 273 14.49 5.13 -1.40
N GLU B 274 15.13 3.96 -1.30
CA GLU B 274 16.18 3.58 -2.24
C GLU B 274 15.66 3.62 -3.68
N VAL B 275 14.54 2.93 -3.95
CA VAL B 275 13.89 2.92 -5.24
C VAL B 275 13.71 4.36 -5.73
N GLN B 276 13.11 5.18 -4.86
CA GLN B 276 12.76 6.53 -5.28
C GLN B 276 14.02 7.36 -5.54
N ASP B 277 15.08 7.10 -4.78
CA ASP B 277 16.34 7.82 -4.98
C ASP B 277 16.92 7.50 -6.36
N ILE B 278 16.90 6.20 -6.71
CA ILE B 278 17.41 5.74 -7.99
C ILE B 278 16.59 6.36 -9.12
N VAL B 279 15.27 6.45 -8.94
CA VAL B 279 14.39 6.99 -9.96
C VAL B 279 14.66 8.48 -10.13
N ASP B 280 15.03 9.14 -9.04
CA ASP B 280 15.22 10.59 -9.04
C ASP B 280 16.42 10.96 -9.89
N LYS B 281 17.46 10.11 -9.88
CA LYS B 281 18.70 10.34 -10.61
C LYS B 281 18.51 10.08 -12.10
N VAL B 282 17.51 9.27 -12.48
CA VAL B 282 17.21 9.05 -13.88
C VAL B 282 16.07 9.99 -14.25
N GLY B 283 16.38 11.05 -15.00
CA GLY B 283 15.48 12.21 -15.03
C GLY B 283 14.30 12.07 -15.99
N SER B 284 13.95 10.84 -16.36
CA SER B 284 13.03 10.64 -17.47
C SER B 284 11.70 10.05 -17.00
N PHE B 285 11.53 9.91 -15.69
CA PHE B 285 10.29 9.41 -15.12
C PHE B 285 9.81 10.33 -14.00
N ALA B 286 8.48 10.50 -13.93
CA ALA B 286 7.78 11.13 -12.81
C ALA B 286 7.11 10.04 -11.99
N VAL B 287 7.22 10.14 -10.66
CA VAL B 287 6.67 9.14 -9.76
C VAL B 287 5.22 9.48 -9.48
N GLU B 288 4.32 8.50 -9.69
CA GLU B 288 2.89 8.75 -9.64
C GLU B 288 2.26 8.02 -8.46
N HIS B 289 3.02 7.08 -7.88
CA HIS B 289 2.54 6.21 -6.81
C HIS B 289 3.73 5.48 -6.23
N ILE B 290 3.82 5.45 -4.91
CA ILE B 290 4.86 4.73 -4.17
C ILE B 290 4.19 4.12 -2.94
N GLU B 291 4.61 2.90 -2.59
CA GLU B 291 3.86 2.09 -1.66
C GLU B 291 4.79 1.01 -1.12
N THR B 292 4.67 0.74 0.18
CA THR B 292 5.20 -0.46 0.82
C THR B 292 4.06 -1.08 1.62
N PHE B 293 3.94 -2.42 1.57
CA PHE B 293 2.97 -3.12 2.39
C PHE B 293 3.53 -4.45 2.88
N THR B 294 3.09 -4.85 4.09
CA THR B 294 3.63 -6.01 4.76
C THR B 294 2.48 -6.95 5.12
N LEU B 295 2.62 -8.22 4.70
CA LEU B 295 1.64 -9.27 4.93
C LEU B 295 2.28 -10.42 5.71
N PRO B 296 1.47 -11.34 6.28
CA PRO B 296 2.00 -12.62 6.77
C PRO B 296 2.40 -13.47 5.57
N PHE B 297 3.54 -14.16 5.70
CA PHE B 297 4.07 -15.03 4.66
C PHE B 297 3.19 -16.27 4.51
N ALA B 298 2.72 -16.82 5.64
CA ALA B 298 1.93 -18.03 5.67
C ALA B 298 0.49 -17.72 5.25
N ASN B 299 -0.21 -18.74 4.75
CA ASN B 299 -1.55 -18.53 4.22
C ASN B 299 -2.56 -18.55 5.37
N ASP B 300 -3.33 -17.45 5.46
CA ASP B 300 -4.29 -17.15 6.51
C ASP B 300 -5.41 -18.19 6.62
N GLN B 301 -5.89 -18.68 5.46
CA GLN B 301 -7.11 -19.48 5.39
C GLN B 301 -6.85 -20.90 5.87
N GLU B 302 -5.79 -21.09 6.68
CA GLU B 302 -5.43 -22.38 7.23
C GLU B 302 -5.19 -22.25 8.73
N SER B 303 -5.93 -23.06 9.50
CA SER B 303 -5.98 -22.93 10.95
C SER B 303 -4.86 -23.73 11.63
N ASP B 304 -4.44 -24.83 11.00
CA ASP B 304 -3.48 -25.75 11.58
C ASP B 304 -2.06 -25.26 11.29
N THR B 305 -1.24 -25.17 12.35
CA THR B 305 0.13 -24.70 12.29
C THR B 305 0.99 -25.61 11.41
N ARG B 306 0.78 -26.93 11.54
CA ARG B 306 1.28 -27.87 10.55
C ARG B 306 0.46 -27.58 9.30
N VAL B 307 0.96 -27.99 8.13
CA VAL B 307 0.37 -27.62 6.86
C VAL B 307 0.71 -26.16 6.55
N LYS B 308 0.49 -25.23 7.50
CA LYS B 308 0.79 -23.81 7.34
C LYS B 308 2.29 -23.64 7.08
N GLY B 309 3.09 -24.32 7.91
CA GLY B 309 4.53 -24.33 7.78
C GLY B 309 5.00 -25.07 6.52
N GLU B 310 4.41 -26.24 6.27
CA GLU B 310 4.77 -27.07 5.15
C GLU B 310 4.49 -26.35 3.83
N GLN B 311 3.36 -25.63 3.79
CA GLN B 311 2.95 -24.86 2.62
C GLN B 311 3.94 -23.73 2.36
N LEU B 312 4.28 -22.98 3.42
CA LEU B 312 5.21 -21.87 3.31
C LEU B 312 6.55 -22.37 2.80
N ALA B 313 6.99 -23.53 3.31
CA ALA B 313 8.24 -24.15 2.91
C ALA B 313 8.19 -24.54 1.43
N LYS B 314 7.08 -25.19 1.03
CA LYS B 314 6.88 -25.57 -0.36
C LYS B 314 6.95 -24.32 -1.23
N ASN B 315 6.26 -23.26 -0.79
CA ASN B 315 6.25 -21.97 -1.48
C ASN B 315 7.66 -21.45 -1.67
N ILE B 316 8.45 -21.48 -0.58
CA ILE B 316 9.83 -20.99 -0.59
C ILE B 316 10.68 -21.83 -1.53
N ARG B 317 10.48 -23.15 -1.49
CA ARG B 317 11.21 -24.05 -2.38
C ARG B 317 10.97 -23.61 -3.82
N SER B 318 9.69 -23.38 -4.15
CA SER B 318 9.26 -23.20 -5.52
C SER B 318 9.93 -22.02 -6.21
N PHE B 319 10.43 -21.05 -5.42
CA PHE B 319 11.05 -19.90 -6.04
C PHE B 319 12.54 -19.81 -5.71
N THR B 320 13.07 -20.79 -4.96
CA THR B 320 14.49 -20.81 -4.63
C THR B 320 15.17 -22.09 -5.08
N GLU B 321 14.39 -23.07 -5.55
CA GLU B 321 14.87 -24.41 -5.83
C GLU B 321 16.01 -24.37 -6.84
N SER B 322 15.76 -23.71 -7.99
CA SER B 322 16.70 -23.81 -9.09
C SER B 322 18.07 -23.22 -8.74
N ILE B 323 18.09 -22.13 -7.97
CA ILE B 323 19.31 -21.44 -7.61
C ILE B 323 20.08 -22.24 -6.56
N ILE B 324 19.34 -22.94 -5.70
CA ILE B 324 19.91 -23.76 -4.64
C ILE B 324 20.44 -25.05 -5.25
N SER B 325 19.65 -25.67 -6.14
CA SER B 325 20.00 -26.94 -6.77
C SER B 325 21.27 -26.80 -7.59
N TYR B 326 21.36 -25.70 -8.34
CA TYR B 326 22.48 -25.46 -9.23
C TYR B 326 23.79 -25.33 -8.44
N GLU B 327 23.67 -25.00 -7.15
CA GLU B 327 24.85 -24.68 -6.34
C GLU B 327 25.29 -25.90 -5.53
N PHE B 328 24.34 -26.77 -5.17
CA PHE B 328 24.60 -27.82 -4.20
C PHE B 328 24.28 -29.19 -4.77
N GLY B 329 23.74 -29.24 -5.98
CA GLY B 329 23.36 -30.51 -6.60
C GLY B 329 22.11 -31.10 -5.94
N LYS B 330 21.49 -32.03 -6.67
CA LYS B 330 20.14 -32.53 -6.42
C LYS B 330 20.05 -33.23 -5.05
N GLU B 331 21.10 -33.98 -4.71
CA GLU B 331 21.10 -34.86 -3.55
C GLU B 331 21.07 -34.07 -2.27
N ILE B 332 21.85 -32.98 -2.22
CA ILE B 332 22.04 -32.18 -1.02
C ILE B 332 20.86 -31.22 -0.87
N THR B 333 20.39 -30.72 -2.02
CA THR B 333 19.28 -29.78 -2.03
C THR B 333 18.03 -30.44 -1.45
N GLU B 334 17.79 -31.70 -1.82
CA GLU B 334 16.65 -32.46 -1.34
C GLU B 334 16.71 -32.57 0.18
N LYS B 335 17.94 -32.61 0.72
CA LYS B 335 18.14 -32.70 2.17
C LYS B 335 17.90 -31.33 2.80
N VAL B 336 18.33 -30.26 2.10
CA VAL B 336 18.20 -28.90 2.59
C VAL B 336 16.72 -28.56 2.81
N TYR B 337 15.87 -28.89 1.82
CA TYR B 337 14.46 -28.54 1.87
C TYR B 337 13.73 -29.32 2.96
N HIS B 338 14.21 -30.53 3.28
CA HIS B 338 13.62 -31.34 4.34
C HIS B 338 13.85 -30.69 5.70
N LYS B 339 15.05 -30.12 5.89
CA LYS B 339 15.36 -29.44 7.13
C LYS B 339 14.68 -28.07 7.17
N LEU B 340 14.53 -27.44 5.99
CA LEU B 340 13.84 -26.17 5.88
C LEU B 340 12.40 -26.33 6.35
N THR B 341 11.76 -27.45 5.96
CA THR B 341 10.37 -27.72 6.29
C THR B 341 10.22 -27.87 7.80
N GLN B 342 11.29 -28.26 8.49
CA GLN B 342 11.24 -28.46 9.94
C GLN B 342 11.44 -27.13 10.66
N ILE B 343 12.22 -26.23 10.04
CA ILE B 343 12.54 -24.93 10.62
C ILE B 343 11.32 -24.01 10.55
N VAL B 344 10.61 -24.06 9.43
CA VAL B 344 9.48 -23.17 9.20
C VAL B 344 8.31 -23.60 10.07
N VAL B 345 8.08 -24.93 10.13
CA VAL B 345 7.05 -25.53 10.97
C VAL B 345 7.25 -25.09 12.43
N LYS B 346 8.50 -25.10 12.89
CA LYS B 346 8.81 -24.65 14.23
C LYS B 346 8.52 -23.15 14.39
N ASP B 347 8.78 -22.38 13.32
CA ASP B 347 8.63 -20.93 13.35
C ASP B 347 7.16 -20.52 13.37
N MET B 348 6.29 -21.37 12.78
CA MET B 348 4.87 -21.09 12.70
C MET B 348 4.24 -21.10 14.09
N ALA B 349 4.83 -21.88 15.00
CA ALA B 349 4.24 -22.13 16.31
C ALA B 349 4.59 -21.05 17.33
N SER B 350 5.46 -20.10 16.95
CA SER B 350 5.88 -19.06 17.88
C SER B 350 5.71 -17.66 17.26
N ARG B 351 6.68 -17.25 16.43
CA ARG B 351 6.59 -15.98 15.71
C ARG B 351 6.41 -16.26 14.22
N PRO B 352 5.20 -16.01 13.65
CA PRO B 352 4.97 -16.22 12.22
C PRO B 352 5.63 -15.11 11.38
N PRO B 353 6.30 -15.46 10.25
CA PRO B 353 7.04 -14.48 9.46
C PRO B 353 6.17 -13.62 8.54
N THR B 354 6.69 -12.42 8.21
CA THR B 354 6.04 -11.51 7.28
C THR B 354 6.80 -11.50 5.95
N ASN B 355 6.25 -10.80 4.95
CA ASN B 355 6.95 -10.52 3.70
C ASN B 355 6.50 -9.17 3.17
N THR B 356 7.44 -8.39 2.62
CA THR B 356 7.17 -7.00 2.30
C THR B 356 7.35 -6.71 0.81
N THR B 357 6.45 -5.84 0.31
CA THR B 357 6.38 -5.54 -1.11
C THR B 357 6.52 -4.03 -1.30
N VAL B 358 7.35 -3.63 -2.27
CA VAL B 358 7.40 -2.23 -2.69
C VAL B 358 6.79 -2.09 -4.06
N VAL B 359 6.04 -1.00 -4.28
CA VAL B 359 5.36 -0.76 -5.54
C VAL B 359 5.61 0.69 -5.97
N VAL B 360 5.99 0.87 -7.23
CA VAL B 360 6.10 2.20 -7.81
C VAL B 360 5.46 2.24 -9.21
N VAL B 361 4.89 3.41 -9.54
CA VAL B 361 4.32 3.71 -10.84
C VAL B 361 4.98 4.97 -11.38
N LEU B 362 5.53 4.84 -12.60
CA LEU B 362 6.28 5.91 -13.24
C LEU B 362 5.58 6.34 -14.53
N SER B 363 5.74 7.63 -14.86
CA SER B 363 5.28 8.16 -16.13
C SER B 363 6.49 8.69 -16.90
N ARG B 364 6.53 8.41 -18.21
CA ARG B 364 7.63 8.84 -19.05
C ARG B 364 7.46 10.31 -19.42
N THR B 365 8.50 11.12 -19.16
CA THR B 365 8.44 12.57 -19.32
C THR B 365 9.46 13.06 -20.36
N MET B 366 10.03 14.25 -20.11
CA MET B 366 10.92 15.01 -21.01
C MET B 366 10.43 14.93 -22.46
#